data_2FZE
#
_entry.id   2FZE
#
_cell.length_a   79.234
_cell.length_b   79.234
_cell.length_c   310.964
_cell.angle_alpha   90.00
_cell.angle_beta   90.00
_cell.angle_gamma   90.00
#
_symmetry.space_group_name_H-M   'P 43 21 2'
#
loop_
_entity.id
_entity.type
_entity.pdbx_description
1 polymer 'Alcohol dehydrogenase class III chi chain'
2 non-polymer 'ZINC ION'
3 non-polymer 'POTASSIUM ION'
4 non-polymer 'PHOSPHATE ION'
5 non-polymer ADENOSINE-5-DIPHOSPHORIBOSE
6 water water
#
_entity_poly.entity_id   1
_entity_poly.type   'polypeptide(L)'
_entity_poly.pdbx_seq_one_letter_code
;ANEVIKCKAAVAWEAGKPLSIEEIEVAPPKAHEVRIKIIATAVCHTDAYTLSGADPEGCFPVILGHEGAGIVESVGEGVT
KLKAGDTVIPLYIPQCGECKFCLNPKTNLCQKIRVTQGKGLMPDGTSRFTCKGKTILHYMGTSTFSEYTVVADISVAKID
PLAPLDKVCLLGCGISTGYGAAVNTAKLEPGSVCAVFGLGGVGLAVIMGCKVAGASRIIGVDINKDKFARAKEFGATECI
NPQDFSKPIQEVLIEMTDGGVDYSFECIGNVKVMRAALEACHKGWGVSVVVGVAASGEEIATRPFQLVTGRTWKGTAFGG
WKSVESVPKLVSEYMSKKIKVDEFVTHNLSFDEINKAFELMHSGKSIRTVVKI
;
_entity_poly.pdbx_strand_id   A,B
#
loop_
_chem_comp.id
_chem_comp.type
_chem_comp.name
_chem_comp.formula
APR non-polymer ADENOSINE-5-DIPHOSPHORIBOSE 'C15 H23 N5 O14 P2'
K non-polymer 'POTASSIUM ION' 'K 1'
PO4 non-polymer 'PHOSPHATE ION' 'O4 P -3'
ZN non-polymer 'ZINC ION' 'Zn 2'
#
# COMPACT_ATOMS: atom_id res chain seq x y z
N ALA A 1 36.45 -37.70 -8.40
CA ALA A 1 35.17 -37.40 -7.71
C ALA A 1 35.30 -36.17 -6.82
N ASN A 2 34.16 -35.69 -6.31
CA ASN A 2 34.16 -34.52 -5.43
C ASN A 2 34.56 -34.91 -4.01
N GLU A 3 35.70 -34.41 -3.57
CA GLU A 3 36.22 -34.69 -2.24
C GLU A 3 35.87 -33.59 -1.26
N VAL A 4 36.01 -33.88 0.02
CA VAL A 4 35.76 -32.88 1.05
C VAL A 4 36.85 -31.83 0.87
N ILE A 5 36.50 -30.56 1.05
CA ILE A 5 37.49 -29.50 0.89
C ILE A 5 37.87 -28.91 2.25
N LYS A 6 39.16 -28.73 2.46
CA LYS A 6 39.63 -28.13 3.69
C LYS A 6 40.02 -26.71 3.29
N CYS A 7 39.39 -25.72 3.90
CA CYS A 7 39.69 -24.34 3.56
C CYS A 7 39.49 -23.40 4.73
N LYS A 8 39.67 -22.11 4.45
CA LYS A 8 39.51 -21.08 5.46
C LYS A 8 38.10 -20.50 5.40
N ALA A 9 37.59 -20.05 6.54
CA ALA A 9 36.26 -19.45 6.62
C ALA A 9 36.17 -18.59 7.87
N ALA A 10 35.33 -17.56 7.81
CA ALA A 10 35.13 -16.67 8.96
C ALA A 10 33.92 -17.21 9.72
N VAL A 11 34.18 -17.86 10.85
CA VAL A 11 33.12 -18.46 11.65
C VAL A 11 32.65 -17.59 12.81
N ALA A 12 31.34 -17.54 13.01
CA ALA A 12 30.76 -16.79 14.12
C ALA A 12 30.35 -17.86 15.12
N TRP A 13 31.21 -18.14 16.09
CA TRP A 13 30.92 -19.15 17.10
C TRP A 13 29.79 -18.76 18.01
N GLU A 14 29.66 -17.46 18.28
CA GLU A 14 28.60 -16.96 19.14
C GLU A 14 28.33 -15.50 18.83
N ALA A 15 27.19 -15.00 19.29
CA ALA A 15 26.82 -13.62 19.05
C ALA A 15 27.62 -12.62 19.88
N GLY A 16 27.73 -11.39 19.36
CA GLY A 16 28.43 -10.34 20.07
C GLY A 16 29.95 -10.44 20.11
N LYS A 17 30.52 -11.37 19.33
CA LYS A 17 31.96 -11.54 19.30
C LYS A 17 32.46 -11.38 17.87
N PRO A 18 33.73 -10.98 17.69
CA PRO A 18 34.25 -10.83 16.33
C PRO A 18 34.35 -12.19 15.65
N LEU A 19 34.28 -12.19 14.32
CA LEU A 19 34.36 -13.44 13.57
C LEU A 19 35.72 -14.10 13.76
N SER A 20 35.73 -15.44 13.78
CA SER A 20 36.96 -16.20 13.96
C SER A 20 37.42 -16.85 12.67
N ILE A 21 38.63 -16.51 12.22
CA ILE A 21 39.19 -17.11 11.01
C ILE A 21 39.55 -18.54 11.36
N GLU A 22 38.86 -19.50 10.75
CA GLU A 22 39.10 -20.91 11.03
C GLU A 22 39.38 -21.76 9.80
N GLU A 23 39.92 -22.94 10.06
CA GLU A 23 40.17 -23.93 9.04
C GLU A 23 38.91 -24.77 9.14
N ILE A 24 38.19 -24.97 8.06
CA ILE A 24 36.97 -25.76 8.09
C ILE A 24 36.94 -26.82 7.00
N GLU A 25 35.93 -27.67 7.07
CA GLU A 25 35.75 -28.72 6.08
C GLU A 25 34.44 -28.46 5.36
N VAL A 26 34.47 -28.52 4.04
CA VAL A 26 33.28 -28.31 3.22
C VAL A 26 33.01 -29.61 2.46
N ALA A 27 31.90 -30.25 2.78
CA ALA A 27 31.53 -31.52 2.14
C ALA A 27 31.19 -31.31 0.67
N PRO A 28 31.30 -32.39 -0.13
CA PRO A 28 30.97 -32.28 -1.56
C PRO A 28 29.48 -32.01 -1.74
N PRO A 29 29.08 -31.47 -2.89
CA PRO A 29 27.67 -31.17 -3.17
C PRO A 29 26.83 -32.43 -3.31
N LYS A 30 25.69 -32.47 -2.63
CA LYS A 30 24.80 -33.61 -2.74
C LYS A 30 23.91 -33.35 -3.94
N ALA A 31 22.90 -34.19 -4.15
CA ALA A 31 22.01 -34.01 -5.29
C ALA A 31 21.43 -32.59 -5.31
N HIS A 32 21.46 -31.98 -6.48
CA HIS A 32 20.93 -30.63 -6.67
C HIS A 32 21.53 -29.56 -5.77
N GLU A 33 22.84 -29.64 -5.60
CA GLU A 33 23.58 -28.66 -4.81
C GLU A 33 24.78 -28.22 -5.65
N VAL A 34 25.33 -27.06 -5.33
CA VAL A 34 26.45 -26.52 -6.08
C VAL A 34 27.52 -26.00 -5.12
N ARG A 35 28.76 -26.42 -5.32
CA ARG A 35 29.84 -25.96 -4.47
C ARG A 35 30.52 -24.84 -5.25
N ILE A 36 30.65 -23.69 -4.60
CA ILE A 36 31.22 -22.51 -5.23
C ILE A 36 32.48 -21.98 -4.57
N LYS A 37 33.45 -21.58 -5.39
CA LYS A 37 34.68 -21.00 -4.86
C LYS A 37 34.37 -19.51 -4.82
N ILE A 38 34.33 -18.94 -3.61
CA ILE A 38 34.04 -17.52 -3.45
C ILE A 38 35.31 -16.72 -3.74
N ILE A 39 35.20 -15.74 -4.62
CA ILE A 39 36.34 -14.91 -5.01
C ILE A 39 36.32 -13.57 -4.26
N ALA A 40 35.11 -13.06 -4.03
CA ALA A 40 34.94 -11.80 -3.33
C ALA A 40 33.60 -11.76 -2.61
N THR A 41 33.57 -11.06 -1.49
CA THR A 41 32.34 -10.94 -0.73
C THR A 41 32.34 -9.59 -0.01
N ALA A 42 31.15 -9.06 0.23
CA ALA A 42 31.02 -7.79 0.92
C ALA A 42 30.24 -8.04 2.19
N VAL A 43 30.18 -7.04 3.07
CA VAL A 43 29.45 -7.18 4.32
C VAL A 43 28.26 -6.23 4.34
N CYS A 44 27.13 -6.75 4.80
CA CYS A 44 25.88 -5.99 4.85
C CYS A 44 25.32 -5.88 6.27
N HIS A 45 24.53 -4.84 6.50
CA HIS A 45 23.90 -4.60 7.79
C HIS A 45 23.25 -5.87 8.32
N THR A 46 22.64 -6.64 7.43
CA THR A 46 21.97 -7.87 7.82
C THR A 46 22.92 -8.86 8.48
N ASP A 47 24.15 -8.95 7.95
CA ASP A 47 25.14 -9.86 8.53
C ASP A 47 25.46 -9.42 9.95
N ALA A 48 25.66 -8.11 10.13
CA ALA A 48 25.98 -7.55 11.44
C ALA A 48 24.83 -7.70 12.44
N TYR A 49 23.61 -7.56 11.94
CA TYR A 49 22.42 -7.69 12.79
C TYR A 49 22.28 -9.12 13.32
N THR A 50 22.59 -10.10 12.49
CA THR A 50 22.52 -11.48 12.93
C THR A 50 23.67 -11.75 13.90
N LEU A 51 24.84 -11.20 13.59
CA LEU A 51 26.02 -11.38 14.41
C LEU A 51 25.85 -10.79 15.80
N SER A 52 25.10 -9.71 15.91
CA SER A 52 24.89 -9.05 17.20
C SER A 52 24.06 -9.90 18.15
N GLY A 53 23.35 -10.88 17.60
CA GLY A 53 22.53 -11.76 18.42
C GLY A 53 21.17 -11.17 18.73
N ALA A 54 20.84 -10.05 18.11
CA ALA A 54 19.55 -9.40 18.33
C ALA A 54 18.49 -10.03 17.43
N ASP A 55 18.91 -10.87 16.51
CA ASP A 55 18.01 -11.54 15.58
C ASP A 55 17.41 -12.79 16.22
N PRO A 56 16.09 -12.78 16.47
CA PRO A 56 15.35 -13.89 17.08
C PRO A 56 15.72 -15.27 16.54
N GLU A 57 15.63 -15.43 15.22
CA GLU A 57 15.93 -16.71 14.60
C GLU A 57 17.39 -16.84 14.15
N GLY A 58 18.27 -16.10 14.81
CA GLY A 58 19.69 -16.18 14.48
C GLY A 58 20.35 -17.24 15.34
N CYS A 59 20.93 -18.25 14.70
CA CYS A 59 21.57 -19.34 15.45
C CYS A 59 23.06 -19.47 15.17
N PHE A 60 23.80 -19.99 16.16
CA PHE A 60 25.24 -20.16 16.06
C PHE A 60 25.63 -21.60 16.42
N PRO A 61 26.82 -22.05 15.98
CA PRO A 61 27.81 -21.32 15.18
C PRO A 61 27.34 -21.23 13.73
N VAL A 62 27.77 -20.21 13.02
CA VAL A 62 27.33 -20.04 11.64
C VAL A 62 28.33 -19.26 10.78
N ILE A 63 28.29 -19.53 9.48
CA ILE A 63 29.15 -18.82 8.53
C ILE A 63 28.22 -17.83 7.81
N LEU A 64 28.38 -16.56 8.13
CA LEU A 64 27.56 -15.51 7.55
C LEU A 64 28.00 -15.12 6.14
N GLY A 65 27.41 -14.03 5.63
CA GLY A 65 27.77 -13.57 4.30
C GLY A 65 26.76 -13.92 3.22
N HIS A 66 26.23 -12.90 2.55
CA HIS A 66 25.25 -13.15 1.50
C HIS A 66 25.45 -12.27 0.27
N GLU A 67 26.57 -11.56 0.24
CA GLU A 67 26.91 -10.70 -0.90
C GLU A 67 28.22 -11.22 -1.45
N GLY A 68 28.15 -12.14 -2.40
CA GLY A 68 29.38 -12.69 -2.96
C GLY A 68 29.32 -13.00 -4.44
N ALA A 69 30.48 -13.39 -4.98
CA ALA A 69 30.60 -13.75 -6.38
C ALA A 69 31.74 -14.74 -6.48
N GLY A 70 31.62 -15.71 -7.38
CA GLY A 70 32.67 -16.70 -7.50
C GLY A 70 32.55 -17.59 -8.72
N ILE A 71 33.15 -18.77 -8.60
CA ILE A 71 33.18 -19.75 -9.68
C ILE A 71 32.73 -21.11 -9.16
N VAL A 72 31.94 -21.81 -9.97
CA VAL A 72 31.46 -23.13 -9.59
C VAL A 72 32.66 -24.07 -9.53
N GLU A 73 32.84 -24.73 -8.40
CA GLU A 73 33.94 -25.67 -8.21
C GLU A 73 33.49 -27.08 -8.60
N SER A 74 32.25 -27.43 -8.26
CA SER A 74 31.70 -28.73 -8.61
C SER A 74 30.20 -28.73 -8.41
N VAL A 75 29.51 -29.64 -9.09
CA VAL A 75 28.06 -29.74 -8.97
C VAL A 75 27.67 -31.12 -8.46
N GLY A 76 26.53 -31.17 -7.79
CA GLY A 76 26.05 -32.44 -7.26
C GLY A 76 25.25 -33.23 -8.28
N GLU A 77 24.73 -34.36 -7.84
CA GLU A 77 23.94 -35.25 -8.67
C GLU A 77 22.70 -34.56 -9.23
N GLY A 78 22.46 -34.73 -10.52
CA GLY A 78 21.29 -34.14 -11.14
C GLY A 78 21.40 -32.70 -11.63
N VAL A 79 22.54 -32.06 -11.40
CA VAL A 79 22.74 -30.69 -11.84
C VAL A 79 23.31 -30.66 -13.25
N THR A 80 22.58 -30.04 -14.17
CA THR A 80 23.02 -29.98 -15.57
C THR A 80 23.14 -28.57 -16.15
N LYS A 81 22.41 -27.61 -15.57
CA LYS A 81 22.46 -26.23 -16.05
C LYS A 81 23.74 -25.51 -15.65
N LEU A 82 24.45 -26.06 -14.66
CA LEU A 82 25.68 -25.45 -14.16
C LEU A 82 26.81 -26.49 -14.17
N LYS A 83 28.03 -26.01 -14.36
CA LYS A 83 29.20 -26.89 -14.38
C LYS A 83 30.42 -26.19 -13.82
N ALA A 84 31.44 -26.97 -13.44
CA ALA A 84 32.66 -26.40 -12.90
C ALA A 84 33.18 -25.34 -13.87
N GLY A 85 33.56 -24.18 -13.34
CA GLY A 85 34.07 -23.13 -14.20
C GLY A 85 33.09 -22.00 -14.45
N ASP A 86 31.80 -22.25 -14.28
CA ASP A 86 30.79 -21.20 -14.52
C ASP A 86 30.97 -20.04 -13.53
N THR A 87 30.82 -18.82 -14.03
CA THR A 87 30.93 -17.62 -13.18
C THR A 87 29.54 -17.38 -12.58
N VAL A 88 29.48 -17.28 -11.25
CA VAL A 88 28.19 -17.14 -10.59
C VAL A 88 28.10 -16.21 -9.39
N ILE A 89 26.86 -15.96 -8.97
CA ILE A 89 26.57 -15.14 -7.80
C ILE A 89 25.54 -15.94 -6.99
N PRO A 90 25.84 -16.23 -5.71
CA PRO A 90 24.93 -17.00 -4.84
C PRO A 90 23.73 -16.10 -4.54
N LEU A 91 22.55 -16.68 -4.44
CA LEU A 91 21.32 -15.92 -4.20
C LEU A 91 20.60 -16.32 -2.92
N TYR A 92 20.28 -15.34 -2.06
CA TYR A 92 19.56 -15.67 -0.83
C TYR A 92 18.07 -15.80 -1.11
N ILE A 93 17.64 -15.26 -2.25
CA ILE A 93 16.26 -15.39 -2.71
C ILE A 93 16.45 -16.29 -3.93
N PRO A 94 16.04 -17.56 -3.83
CA PRO A 94 16.19 -18.49 -4.96
C PRO A 94 15.09 -18.35 -6.00
N GLN A 95 15.12 -19.21 -7.01
CA GLN A 95 14.10 -19.22 -8.05
C GLN A 95 13.99 -20.63 -8.61
N CYS A 96 13.17 -21.46 -7.97
CA CYS A 96 12.99 -22.84 -8.43
C CYS A 96 12.27 -22.84 -9.76
N GLY A 97 11.50 -21.78 -10.01
CA GLY A 97 10.78 -21.66 -11.26
C GLY A 97 9.55 -22.56 -11.39
N GLU A 98 9.16 -23.22 -10.31
CA GLU A 98 8.01 -24.12 -10.37
C GLU A 98 6.92 -23.88 -9.33
N CYS A 99 7.26 -23.28 -8.20
CA CYS A 99 6.27 -23.02 -7.16
C CYS A 99 5.29 -21.92 -7.56
N LYS A 100 4.21 -21.77 -6.80
CA LYS A 100 3.20 -20.76 -7.14
C LYS A 100 3.77 -19.34 -7.12
N PHE A 101 4.84 -19.12 -6.36
CA PHE A 101 5.43 -17.79 -6.31
C PHE A 101 6.25 -17.53 -7.56
N CYS A 102 7.13 -18.47 -7.92
CA CYS A 102 7.95 -18.30 -9.11
C CYS A 102 7.08 -18.16 -10.36
N LEU A 103 5.93 -18.83 -10.35
CA LEU A 103 5.03 -18.79 -11.50
C LEU A 103 4.19 -17.52 -11.57
N ASN A 104 4.16 -16.75 -10.49
CA ASN A 104 3.39 -15.51 -10.45
C ASN A 104 4.31 -14.32 -10.73
N PRO A 105 4.02 -13.57 -11.80
CA PRO A 105 4.79 -12.39 -12.24
C PRO A 105 4.87 -11.26 -11.21
N LYS A 106 3.97 -11.28 -10.23
CA LYS A 106 3.92 -10.22 -9.22
C LYS A 106 4.85 -10.38 -8.02
N THR A 107 5.63 -11.46 -7.98
CA THR A 107 6.51 -11.68 -6.84
C THR A 107 7.78 -12.44 -7.22
N ASN A 108 8.76 -12.40 -6.32
CA ASN A 108 10.02 -13.09 -6.55
C ASN A 108 10.34 -13.97 -5.34
N LEU A 109 9.37 -14.07 -4.43
CA LEU A 109 9.57 -14.83 -3.21
C LEU A 109 9.40 -16.35 -3.27
N CYS A 110 10.33 -17.01 -3.96
CA CYS A 110 10.31 -18.47 -4.09
C CYS A 110 10.30 -19.07 -2.69
N GLN A 111 9.41 -20.02 -2.46
CA GLN A 111 9.29 -20.66 -1.14
C GLN A 111 9.80 -22.09 -1.09
N LYS A 112 10.34 -22.58 -2.21
CA LYS A 112 10.83 -23.96 -2.31
C LYS A 112 11.71 -24.47 -1.16
N ILE A 113 12.68 -23.66 -0.74
CA ILE A 113 13.60 -24.09 0.31
C ILE A 113 13.68 -23.14 1.51
N ARG A 114 12.68 -22.29 1.65
CA ARG A 114 12.64 -21.29 2.73
C ARG A 114 12.81 -21.85 4.15
N VAL A 115 12.12 -22.92 4.46
CA VAL A 115 12.19 -23.50 5.81
C VAL A 115 13.59 -24.00 6.18
N THR A 116 14.17 -24.87 5.34
CA THR A 116 15.50 -25.37 5.65
C THR A 116 16.51 -24.21 5.68
N GLN A 117 16.39 -23.29 4.73
CA GLN A 117 17.31 -22.16 4.66
C GLN A 117 17.27 -21.33 5.94
N GLY A 118 16.06 -21.10 6.45
CA GLY A 118 15.91 -20.33 7.67
C GLY A 118 16.56 -21.00 8.86
N LYS A 119 16.77 -22.30 8.78
CA LYS A 119 17.39 -23.07 9.86
C LYS A 119 18.89 -23.24 9.62
N GLY A 120 19.39 -22.65 8.54
CA GLY A 120 20.80 -22.73 8.23
C GLY A 120 21.20 -24.10 7.70
N LEU A 121 20.30 -24.74 6.96
CA LEU A 121 20.55 -26.07 6.42
C LEU A 121 20.26 -26.13 4.92
N MET A 122 20.84 -27.13 4.25
CA MET A 122 20.60 -27.33 2.83
C MET A 122 19.19 -27.93 2.73
N PRO A 123 18.64 -28.03 1.51
CA PRO A 123 17.29 -28.60 1.34
C PRO A 123 17.06 -29.96 1.97
N ASP A 124 18.11 -30.78 2.06
CA ASP A 124 17.99 -32.12 2.63
C ASP A 124 17.99 -32.12 4.16
N GLY A 125 18.01 -30.94 4.77
CA GLY A 125 17.98 -30.85 6.22
C GLY A 125 19.31 -30.95 6.97
N THR A 126 20.43 -30.87 6.25
CA THR A 126 21.74 -30.95 6.90
C THR A 126 22.65 -29.83 6.42
N SER A 127 23.79 -29.68 7.10
CA SER A 127 24.77 -28.65 6.76
C SER A 127 26.00 -29.29 6.11
N ARG A 128 26.70 -28.54 5.27
CA ARG A 128 27.89 -29.03 4.60
C ARG A 128 29.16 -28.54 5.29
N PHE A 129 29.00 -27.74 6.34
CA PHE A 129 30.16 -27.19 7.06
C PHE A 129 30.44 -27.85 8.41
N THR A 130 31.72 -28.02 8.70
CA THR A 130 32.17 -28.59 9.97
C THR A 130 33.47 -27.89 10.34
N CYS A 131 33.71 -27.75 11.65
CA CYS A 131 34.92 -27.10 12.14
C CYS A 131 35.22 -27.57 13.55
N LYS A 132 36.40 -28.14 13.75
CA LYS A 132 36.81 -28.63 15.06
C LYS A 132 35.80 -29.60 15.66
N GLY A 133 35.27 -30.49 14.83
CA GLY A 133 34.31 -31.47 15.30
C GLY A 133 32.91 -30.95 15.52
N LYS A 134 32.66 -29.70 15.16
CA LYS A 134 31.33 -29.11 15.32
C LYS A 134 30.68 -28.77 14.00
N THR A 135 29.36 -28.94 13.94
CA THR A 135 28.61 -28.62 12.72
C THR A 135 28.41 -27.11 12.68
N ILE A 136 28.67 -26.51 11.53
CA ILE A 136 28.51 -25.06 11.38
C ILE A 136 27.34 -24.82 10.43
N LEU A 137 26.42 -23.95 10.84
CA LEU A 137 25.24 -23.65 10.03
C LEU A 137 25.49 -22.75 8.84
N HIS A 138 24.63 -22.87 7.83
CA HIS A 138 24.70 -22.04 6.63
C HIS A 138 23.95 -20.76 7.01
N TYR A 139 24.01 -19.76 6.15
CA TYR A 139 23.32 -18.50 6.42
C TYR A 139 22.72 -17.94 5.14
N MET A 140 21.43 -17.62 5.18
CA MET A 140 20.72 -17.07 4.03
C MET A 140 20.97 -17.89 2.76
N GLY A 141 21.22 -19.17 2.95
CA GLY A 141 21.46 -20.08 1.84
C GLY A 141 22.68 -19.77 1.01
N THR A 142 23.55 -18.89 1.50
CA THR A 142 24.74 -18.50 0.76
C THR A 142 26.07 -18.69 1.49
N SER A 143 26.17 -18.24 2.74
CA SER A 143 27.41 -18.37 3.51
C SER A 143 28.64 -18.01 2.69
N THR A 144 28.71 -16.76 2.26
CA THR A 144 29.82 -16.29 1.43
C THR A 144 31.13 -15.97 2.17
N PHE A 145 31.13 -16.06 3.50
CA PHE A 145 32.34 -15.78 4.27
C PHE A 145 33.21 -17.03 4.37
N SER A 146 33.42 -17.71 3.25
CA SER A 146 34.22 -18.93 3.20
C SER A 146 34.87 -19.04 1.83
N GLU A 147 36.03 -19.66 1.75
CA GLU A 147 36.71 -19.82 0.47
C GLU A 147 35.84 -20.67 -0.44
N TYR A 148 35.08 -21.57 0.17
CA TYR A 148 34.18 -22.46 -0.56
C TYR A 148 32.86 -22.62 0.18
N THR A 149 31.75 -22.54 -0.56
CA THR A 149 30.44 -22.71 0.04
C THR A 149 29.64 -23.66 -0.83
N VAL A 150 28.56 -24.20 -0.27
CA VAL A 150 27.68 -25.08 -1.02
C VAL A 150 26.28 -24.48 -0.92
N VAL A 151 25.59 -24.41 -2.05
CA VAL A 151 24.26 -23.82 -2.05
C VAL A 151 23.30 -24.68 -2.87
N ALA A 152 22.00 -24.49 -2.65
CA ALA A 152 20.99 -25.23 -3.41
C ALA A 152 21.18 -24.82 -4.85
N ASP A 153 20.95 -25.75 -5.79
CA ASP A 153 21.14 -25.40 -7.19
C ASP A 153 20.18 -24.33 -7.72
N ILE A 154 19.12 -24.05 -6.95
CA ILE A 154 18.16 -23.01 -7.36
C ILE A 154 18.56 -21.66 -6.76
N SER A 155 19.68 -21.64 -6.04
CA SER A 155 20.18 -20.42 -5.41
C SER A 155 21.40 -19.89 -6.17
N VAL A 156 21.45 -20.14 -7.47
CA VAL A 156 22.60 -19.72 -8.26
C VAL A 156 22.27 -18.98 -9.55
N ALA A 157 22.93 -17.84 -9.75
CA ALA A 157 22.75 -17.06 -10.97
C ALA A 157 24.04 -17.18 -11.77
N LYS A 158 23.91 -17.60 -13.04
CA LYS A 158 25.07 -17.75 -13.91
C LYS A 158 25.22 -16.41 -14.63
N ILE A 159 26.39 -15.79 -14.47
CA ILE A 159 26.62 -14.47 -15.07
C ILE A 159 27.72 -14.39 -16.13
N ASP A 160 27.84 -13.19 -16.72
CA ASP A 160 28.82 -12.92 -17.75
C ASP A 160 30.21 -13.36 -17.26
N PRO A 161 30.87 -14.25 -18.02
CA PRO A 161 32.20 -14.76 -17.67
C PRO A 161 33.26 -13.66 -17.55
N LEU A 162 32.98 -12.50 -18.14
CA LEU A 162 33.91 -11.38 -18.10
C LEU A 162 33.68 -10.39 -16.95
N ALA A 163 32.66 -10.63 -16.14
CA ALA A 163 32.34 -9.73 -15.03
C ALA A 163 33.40 -9.70 -13.94
N PRO A 164 33.75 -8.49 -13.46
CA PRO A 164 34.75 -8.36 -12.40
C PRO A 164 34.07 -8.78 -11.10
N LEU A 165 34.46 -9.94 -10.57
CA LEU A 165 33.84 -10.46 -9.36
C LEU A 165 34.04 -9.61 -8.11
N ASP A 166 35.12 -8.85 -8.09
CA ASP A 166 35.42 -7.99 -6.95
C ASP A 166 34.48 -6.78 -6.94
N LYS A 167 33.59 -6.71 -7.92
CA LYS A 167 32.63 -5.63 -8.01
C LYS A 167 31.18 -6.15 -7.99
N VAL A 168 30.86 -7.09 -8.88
CA VAL A 168 29.48 -7.59 -8.96
C VAL A 168 28.97 -8.36 -7.75
N CYS A 169 29.85 -8.69 -6.81
CA CYS A 169 29.40 -9.39 -5.61
C CYS A 169 28.37 -8.50 -4.92
N LEU A 170 28.44 -7.19 -5.17
CA LEU A 170 27.49 -6.26 -4.56
C LEU A 170 26.08 -6.40 -5.10
N LEU A 171 25.93 -7.05 -6.25
CA LEU A 171 24.60 -7.25 -6.82
C LEU A 171 23.90 -8.39 -6.08
N GLY A 172 24.60 -8.96 -5.11
CA GLY A 172 24.03 -10.04 -4.32
C GLY A 172 22.99 -9.55 -3.32
N CYS A 173 22.92 -8.23 -3.10
CA CYS A 173 21.94 -7.71 -2.17
C CYS A 173 21.60 -6.24 -2.28
N GLY A 174 22.40 -5.40 -1.63
CA GLY A 174 22.18 -3.97 -1.59
C GLY A 174 21.81 -3.23 -2.86
N ILE A 175 22.69 -3.25 -3.85
CA ILE A 175 22.43 -2.54 -5.10
C ILE A 175 21.15 -3.03 -5.78
N SER A 176 21.03 -4.35 -5.90
CA SER A 176 19.86 -4.93 -6.56
C SER A 176 18.57 -4.58 -5.83
N THR A 177 18.61 -4.61 -4.50
CA THR A 177 17.43 -4.30 -3.70
C THR A 177 16.94 -2.87 -3.91
N GLY A 178 17.86 -1.91 -3.80
CA GLY A 178 17.48 -0.51 -3.97
C GLY A 178 17.06 -0.17 -5.38
N TYR A 179 17.82 -0.65 -6.36
CA TYR A 179 17.51 -0.40 -7.75
C TYR A 179 16.14 -0.97 -8.08
N GLY A 180 15.90 -2.21 -7.66
CA GLY A 180 14.63 -2.86 -7.91
C GLY A 180 13.45 -2.20 -7.20
N ALA A 181 13.69 -1.63 -6.03
CA ALA A 181 12.64 -0.96 -5.28
C ALA A 181 12.05 0.13 -6.17
N ALA A 182 12.92 0.81 -6.89
CA ALA A 182 12.48 1.89 -7.78
C ALA A 182 11.83 1.40 -9.06
N VAL A 183 12.52 0.54 -9.80
CA VAL A 183 12.01 0.06 -11.08
C VAL A 183 10.99 -1.08 -11.09
N ASN A 184 10.98 -1.91 -10.05
CA ASN A 184 10.04 -3.03 -9.98
C ASN A 184 8.86 -2.82 -9.06
N THR A 185 9.13 -2.37 -7.84
CA THR A 185 8.08 -2.16 -6.87
C THR A 185 7.34 -0.83 -7.07
N ALA A 186 8.09 0.27 -7.07
CA ALA A 186 7.49 1.57 -7.27
C ALA A 186 7.11 1.74 -8.74
N LYS A 187 7.98 1.30 -9.64
CA LYS A 187 7.76 1.45 -11.09
C LYS A 187 7.45 2.91 -11.38
N LEU A 188 8.22 3.81 -10.77
CA LEU A 188 7.99 5.24 -10.94
C LEU A 188 8.12 5.69 -12.40
N GLU A 189 7.30 6.68 -12.75
CA GLU A 189 7.25 7.23 -14.10
C GLU A 189 8.18 8.42 -14.29
N PRO A 190 8.54 8.71 -15.55
CA PRO A 190 9.43 9.85 -15.82
C PRO A 190 8.80 11.12 -15.23
N GLY A 191 9.62 11.95 -14.59
CA GLY A 191 9.11 13.19 -14.01
C GLY A 191 8.73 13.09 -12.54
N SER A 192 8.65 11.86 -12.02
CA SER A 192 8.27 11.65 -10.63
C SER A 192 9.15 12.39 -9.63
N VAL A 193 8.52 12.85 -8.55
CA VAL A 193 9.21 13.55 -7.47
C VAL A 193 9.40 12.47 -6.40
N CYS A 194 10.65 12.24 -5.99
CA CYS A 194 10.96 11.21 -5.02
C CYS A 194 11.72 11.68 -3.79
N ALA A 195 11.58 10.91 -2.70
CA ALA A 195 12.28 11.18 -1.45
C ALA A 195 12.88 9.83 -1.03
N VAL A 196 14.16 9.84 -0.67
CA VAL A 196 14.84 8.62 -0.26
C VAL A 196 15.40 8.80 1.14
N PHE A 197 14.88 8.04 2.09
CA PHE A 197 15.32 8.10 3.49
C PHE A 197 16.40 7.06 3.73
N GLY A 198 17.59 7.53 4.10
CA GLY A 198 18.71 6.63 4.33
C GLY A 198 19.56 6.65 3.08
N LEU A 199 20.79 7.13 3.20
CA LEU A 199 21.67 7.24 2.05
C LEU A 199 22.89 6.32 2.05
N GLY A 200 22.66 5.07 2.46
CA GLY A 200 23.73 4.10 2.45
C GLY A 200 23.66 3.45 1.08
N GLY A 201 24.31 2.31 0.91
CA GLY A 201 24.28 1.63 -0.38
C GLY A 201 22.87 1.40 -0.92
N VAL A 202 21.95 0.99 -0.05
CA VAL A 202 20.59 0.74 -0.51
C VAL A 202 19.93 2.02 -1.00
N GLY A 203 20.03 3.08 -0.21
CA GLY A 203 19.45 4.35 -0.60
C GLY A 203 20.08 4.89 -1.87
N LEU A 204 21.39 4.75 -2.01
CA LEU A 204 22.07 5.24 -3.21
C LEU A 204 21.59 4.47 -4.43
N ALA A 205 21.32 3.18 -4.25
CA ALA A 205 20.84 2.33 -5.33
C ALA A 205 19.42 2.73 -5.74
N VAL A 206 18.62 3.17 -4.77
CA VAL A 206 17.26 3.64 -5.06
C VAL A 206 17.37 4.91 -5.90
N ILE A 207 18.25 5.82 -5.48
CA ILE A 207 18.45 7.06 -6.22
C ILE A 207 18.87 6.72 -7.64
N MET A 208 19.80 5.78 -7.78
CA MET A 208 20.27 5.36 -9.08
C MET A 208 19.10 4.87 -9.94
N GLY A 209 18.19 4.14 -9.30
CA GLY A 209 17.03 3.64 -10.02
C GLY A 209 16.08 4.77 -10.40
N CYS A 210 15.88 5.71 -9.48
CA CYS A 210 14.99 6.84 -9.75
C CYS A 210 15.50 7.62 -10.96
N LYS A 211 16.82 7.77 -11.06
CA LYS A 211 17.44 8.49 -12.16
C LYS A 211 17.23 7.72 -13.47
N VAL A 212 17.43 6.41 -13.43
CA VAL A 212 17.23 5.59 -14.63
C VAL A 212 15.78 5.74 -15.09
N ALA A 213 14.88 5.80 -14.13
CA ALA A 213 13.45 5.93 -14.41
C ALA A 213 13.03 7.31 -14.89
N GLY A 214 13.95 8.27 -14.83
CA GLY A 214 13.64 9.62 -15.29
C GLY A 214 12.96 10.52 -14.27
N ALA A 215 13.22 10.29 -12.99
CA ALA A 215 12.65 11.09 -11.92
C ALA A 215 13.11 12.54 -12.07
N SER A 216 12.21 13.50 -11.82
CA SER A 216 12.57 14.90 -11.96
C SER A 216 13.30 15.40 -10.72
N ARG A 217 12.70 15.18 -9.56
CA ARG A 217 13.28 15.63 -8.30
C ARG A 217 13.53 14.43 -7.39
N ILE A 218 14.74 14.37 -6.83
CA ILE A 218 15.11 13.27 -5.95
C ILE A 218 15.71 13.85 -4.67
N ILE A 219 14.93 13.82 -3.59
CA ILE A 219 15.38 14.38 -2.32
C ILE A 219 15.93 13.32 -1.38
N GLY A 220 17.22 13.44 -1.07
CA GLY A 220 17.88 12.50 -0.19
C GLY A 220 17.74 12.96 1.24
N VAL A 221 17.50 12.01 2.15
CA VAL A 221 17.33 12.32 3.55
C VAL A 221 18.20 11.41 4.41
N ASP A 222 19.05 12.02 5.24
CA ASP A 222 19.90 11.26 6.13
C ASP A 222 20.33 12.16 7.29
N ILE A 223 20.52 11.59 8.46
CA ILE A 223 20.93 12.37 9.63
C ILE A 223 22.46 12.53 9.64
N ASN A 224 23.12 11.86 8.72
CA ASN A 224 24.57 11.93 8.60
C ASN A 224 24.88 12.72 7.33
N LYS A 225 25.18 14.00 7.48
CA LYS A 225 25.48 14.86 6.33
C LYS A 225 26.66 14.41 5.48
N ASP A 226 27.50 13.54 6.01
CA ASP A 226 28.66 13.05 5.25
C ASP A 226 28.21 12.20 4.06
N LYS A 227 26.97 11.75 4.09
CA LYS A 227 26.42 10.91 3.02
C LYS A 227 25.87 11.69 1.84
N PHE A 228 25.70 13.01 2.00
CA PHE A 228 25.13 13.85 0.95
C PHE A 228 25.93 13.97 -0.34
N ALA A 229 27.24 14.11 -0.24
CA ALA A 229 28.07 14.26 -1.43
C ALA A 229 27.89 13.12 -2.43
N ARG A 230 27.98 11.89 -1.97
CA ARG A 230 27.84 10.74 -2.85
C ARG A 230 26.41 10.60 -3.37
N ALA A 231 25.43 10.97 -2.54
CA ALA A 231 24.03 10.89 -2.94
C ALA A 231 23.78 11.80 -4.15
N LYS A 232 24.43 12.96 -4.14
CA LYS A 232 24.26 13.90 -5.24
C LYS A 232 24.93 13.37 -6.51
N GLU A 233 26.08 12.72 -6.35
CA GLU A 233 26.78 12.17 -7.51
C GLU A 233 25.91 11.10 -8.15
N PHE A 234 25.11 10.42 -7.33
CA PHE A 234 24.22 9.38 -7.83
C PHE A 234 22.95 9.95 -8.46
N GLY A 235 22.65 11.20 -8.18
CA GLY A 235 21.47 11.81 -8.79
C GLY A 235 20.54 12.61 -7.90
N ALA A 236 20.78 12.64 -6.59
CA ALA A 236 19.91 13.40 -5.70
C ALA A 236 19.99 14.87 -6.11
N THR A 237 18.84 15.51 -6.25
CA THR A 237 18.79 16.92 -6.63
C THR A 237 19.09 17.82 -5.42
N GLU A 238 18.89 17.26 -4.23
CA GLU A 238 19.19 17.97 -2.98
C GLU A 238 19.05 17.00 -1.82
N CYS A 239 19.70 17.33 -0.72
CA CYS A 239 19.65 16.48 0.47
C CYS A 239 19.32 17.30 1.70
N ILE A 240 18.59 16.70 2.63
CA ILE A 240 18.22 17.38 3.85
C ILE A 240 18.46 16.49 5.06
N ASN A 241 18.79 17.12 6.18
CA ASN A 241 19.04 16.42 7.44
C ASN A 241 17.86 16.72 8.37
N PRO A 242 17.13 15.68 8.79
CA PRO A 242 15.98 15.84 9.70
C PRO A 242 16.33 16.65 10.94
N GLN A 243 17.58 16.51 11.39
CA GLN A 243 18.06 17.21 12.57
C GLN A 243 18.13 18.73 12.39
N ASP A 244 18.09 19.20 11.15
CA ASP A 244 18.15 20.62 10.89
C ASP A 244 16.77 21.30 10.92
N PHE A 245 15.73 20.55 11.26
CA PHE A 245 14.38 21.10 11.30
C PHE A 245 13.66 20.74 12.60
N SER A 246 12.87 21.68 13.11
CA SER A 246 12.13 21.42 14.34
C SER A 246 10.84 20.65 14.03
N LYS A 247 10.31 20.87 12.83
CA LYS A 247 9.08 20.20 12.39
C LYS A 247 9.38 18.76 11.95
N PRO A 248 8.38 17.87 12.02
CA PRO A 248 8.58 16.48 11.62
C PRO A 248 9.01 16.48 10.15
N ILE A 249 9.88 15.54 9.78
CA ILE A 249 10.39 15.46 8.41
C ILE A 249 9.30 15.39 7.33
N GLN A 250 8.18 14.73 7.61
CA GLN A 250 7.12 14.66 6.61
C GLN A 250 6.54 16.04 6.32
N GLU A 251 6.49 16.89 7.35
CA GLU A 251 5.96 18.24 7.17
C GLU A 251 6.91 19.08 6.31
N VAL A 252 8.21 18.90 6.54
CA VAL A 252 9.22 19.61 5.78
C VAL A 252 9.12 19.24 4.29
N LEU A 253 9.06 17.94 4.02
CA LEU A 253 8.96 17.46 2.65
C LEU A 253 7.68 17.92 1.96
N ILE A 254 6.57 17.88 2.68
CA ILE A 254 5.30 18.32 2.13
C ILE A 254 5.40 19.78 1.71
N GLU A 255 6.06 20.59 2.54
CA GLU A 255 6.24 22.00 2.26
C GLU A 255 7.11 22.23 1.02
N MET A 256 8.20 21.48 0.93
CA MET A 256 9.14 21.58 -0.18
C MET A 256 8.56 21.19 -1.54
N THR A 257 7.63 20.24 -1.52
CA THR A 257 7.04 19.71 -2.74
C THR A 257 5.60 20.12 -2.99
N ASP A 258 5.10 21.10 -2.24
CA ASP A 258 3.74 21.58 -2.39
C ASP A 258 2.71 20.43 -2.33
N GLY A 259 2.78 19.63 -1.28
CA GLY A 259 1.83 18.54 -1.12
C GLY A 259 2.42 17.19 -0.72
N GLY A 260 3.67 16.95 -1.08
CA GLY A 260 4.30 15.68 -0.77
C GLY A 260 4.92 15.07 -2.02
N VAL A 261 5.72 14.02 -1.83
CA VAL A 261 6.37 13.37 -2.96
C VAL A 261 5.48 12.34 -3.63
N ASP A 262 5.81 11.99 -4.88
CA ASP A 262 5.06 10.99 -5.60
C ASP A 262 5.46 9.61 -5.09
N TYR A 263 6.74 9.47 -4.76
CA TYR A 263 7.28 8.21 -4.25
C TYR A 263 8.31 8.42 -3.15
N SER A 264 8.21 7.64 -2.09
CA SER A 264 9.19 7.74 -1.01
C SER A 264 9.70 6.32 -0.76
N PHE A 265 10.97 6.21 -0.36
CA PHE A 265 11.58 4.93 -0.09
C PHE A 265 12.29 4.97 1.26
N GLU A 266 11.93 4.06 2.16
CA GLU A 266 12.58 4.00 3.45
C GLU A 266 13.66 2.95 3.34
N CYS A 267 14.91 3.38 3.48
CA CYS A 267 16.06 2.49 3.36
C CYS A 267 16.88 2.53 4.65
N ILE A 268 16.21 2.41 5.78
CA ILE A 268 16.85 2.45 7.09
C ILE A 268 16.43 1.29 8.00
N GLY A 269 15.13 1.04 8.05
CA GLY A 269 14.62 -0.03 8.91
C GLY A 269 14.16 0.55 10.24
N ASN A 270 13.74 1.81 10.20
CA ASN A 270 13.25 2.53 11.38
C ASN A 270 11.74 2.75 11.21
N VAL A 271 10.93 2.09 12.04
CA VAL A 271 9.48 2.22 11.92
C VAL A 271 8.93 3.63 12.04
N LYS A 272 9.62 4.49 12.79
CA LYS A 272 9.17 5.87 12.92
C LYS A 272 9.40 6.60 11.60
N VAL A 273 10.54 6.34 10.97
CA VAL A 273 10.84 6.99 9.70
C VAL A 273 9.96 6.40 8.61
N MET A 274 9.58 5.12 8.75
CA MET A 274 8.71 4.50 7.75
C MET A 274 7.38 5.25 7.73
N ARG A 275 6.88 5.61 8.92
CA ARG A 275 5.63 6.34 8.99
C ARG A 275 5.80 7.71 8.35
N ALA A 276 6.92 8.36 8.64
CA ALA A 276 7.20 9.67 8.07
C ALA A 276 7.24 9.60 6.55
N ALA A 277 7.87 8.54 6.03
CA ALA A 277 7.98 8.37 4.58
C ALA A 277 6.61 8.24 3.93
N LEU A 278 5.70 7.55 4.61
CA LEU A 278 4.35 7.39 4.07
C LEU A 278 3.61 8.72 4.11
N GLU A 279 3.69 9.40 5.25
CA GLU A 279 2.99 10.67 5.40
C GLU A 279 3.60 11.80 4.59
N ALA A 280 4.84 11.59 4.12
CA ALA A 280 5.52 12.59 3.30
C ALA A 280 5.03 12.49 1.85
N CYS A 281 4.28 11.45 1.54
CA CYS A 281 3.75 11.26 0.19
C CYS A 281 2.55 12.15 -0.10
N HIS A 282 2.43 12.54 -1.37
CA HIS A 282 1.36 13.41 -1.83
C HIS A 282 -0.01 12.77 -1.71
N LYS A 283 -1.00 13.57 -1.32
CA LYS A 283 -2.37 13.09 -1.22
C LYS A 283 -2.81 12.63 -2.62
N GLY A 284 -3.72 11.67 -2.66
CA GLY A 284 -4.24 11.19 -3.93
C GLY A 284 -3.48 10.12 -4.71
N TRP A 285 -2.16 10.20 -4.75
CA TRP A 285 -1.39 9.23 -5.51
C TRP A 285 -0.02 8.85 -4.96
N GLY A 286 0.35 9.41 -3.81
CA GLY A 286 1.65 9.11 -3.24
C GLY A 286 1.83 7.63 -2.89
N VAL A 287 3.03 7.12 -3.09
CA VAL A 287 3.33 5.71 -2.80
C VAL A 287 4.64 5.61 -2.01
N SER A 288 4.61 4.85 -0.91
CA SER A 288 5.81 4.69 -0.11
C SER A 288 6.24 3.22 -0.10
N VAL A 289 7.53 2.99 -0.35
CA VAL A 289 8.06 1.63 -0.39
C VAL A 289 9.05 1.38 0.76
N VAL A 290 8.74 0.39 1.59
CA VAL A 290 9.63 0.04 2.69
C VAL A 290 10.70 -0.89 2.15
N VAL A 291 11.96 -0.49 2.27
CA VAL A 291 13.07 -1.30 1.79
C VAL A 291 13.91 -1.79 2.97
N GLY A 292 14.03 -0.95 3.99
CA GLY A 292 14.81 -1.33 5.17
C GLY A 292 14.11 -2.39 6.00
N VAL A 293 14.88 -3.19 6.72
CA VAL A 293 14.31 -4.24 7.56
C VAL A 293 14.30 -3.82 9.03
N ALA A 294 13.11 -3.66 9.60
CA ALA A 294 13.00 -3.24 10.99
C ALA A 294 13.25 -4.39 11.97
N ALA A 295 13.57 -4.04 13.20
CA ALA A 295 13.83 -5.03 14.24
C ALA A 295 12.54 -5.80 14.52
N SER A 296 12.68 -7.07 14.91
CA SER A 296 11.53 -7.91 15.20
C SER A 296 10.62 -7.29 16.25
N GLY A 297 9.31 -7.50 16.10
CA GLY A 297 8.36 -6.97 17.05
C GLY A 297 7.89 -5.55 16.82
N GLU A 298 8.74 -4.71 16.24
CA GLU A 298 8.36 -3.34 15.99
C GLU A 298 7.32 -3.24 14.89
N GLU A 299 6.39 -2.31 15.02
CA GLU A 299 5.37 -2.15 14.01
C GLU A 299 5.25 -0.73 13.50
N ILE A 300 4.74 -0.61 12.28
CA ILE A 300 4.53 0.68 11.64
C ILE A 300 3.08 1.04 11.90
N ALA A 301 2.80 2.34 11.92
CA ALA A 301 1.44 2.80 12.15
C ALA A 301 1.20 4.13 11.47
N THR A 302 -0.07 4.46 11.32
CA THR A 302 -0.49 5.72 10.73
C THR A 302 -2.01 5.75 10.85
N ARG A 303 -2.63 6.87 10.50
CA ARG A 303 -4.08 6.95 10.55
C ARG A 303 -4.58 6.51 9.18
N PRO A 304 -5.58 5.61 9.14
CA PRO A 304 -6.11 5.10 7.87
C PRO A 304 -6.49 6.20 6.89
N PHE A 305 -6.74 7.40 7.41
CA PHE A 305 -7.09 8.56 6.60
C PHE A 305 -6.04 8.75 5.50
N GLN A 306 -4.79 8.42 5.83
CA GLN A 306 -3.68 8.56 4.88
C GLN A 306 -3.87 7.69 3.65
N LEU A 307 -4.45 6.50 3.84
CA LEU A 307 -4.68 5.57 2.74
C LEU A 307 -6.00 5.91 2.03
N VAL A 308 -7.02 6.24 2.82
CA VAL A 308 -8.31 6.58 2.26
C VAL A 308 -8.17 7.78 1.33
N THR A 309 -7.29 8.72 1.69
CA THR A 309 -7.10 9.88 0.84
C THR A 309 -6.06 9.71 -0.26
N GLY A 310 -5.79 8.46 -0.65
CA GLY A 310 -4.89 8.22 -1.76
C GLY A 310 -3.49 7.66 -1.67
N ARG A 311 -2.92 7.54 -0.49
CA ARG A 311 -1.56 7.02 -0.40
C ARG A 311 -1.52 5.49 -0.33
N THR A 312 -0.42 4.91 -0.81
CA THR A 312 -0.24 3.47 -0.85
C THR A 312 1.04 3.05 -0.11
N TRP A 313 0.95 2.01 0.70
CA TRP A 313 2.10 1.52 1.45
C TRP A 313 2.52 0.18 0.87
N LYS A 314 3.78 0.09 0.44
CA LYS A 314 4.30 -1.13 -0.14
C LYS A 314 5.66 -1.46 0.47
N GLY A 315 6.19 -2.61 0.08
CA GLY A 315 7.48 -3.04 0.57
C GLY A 315 8.16 -3.86 -0.52
N THR A 316 9.43 -4.17 -0.34
CA THR A 316 10.13 -4.97 -1.35
C THR A 316 11.19 -5.85 -0.70
N ALA A 317 11.51 -6.94 -1.38
CA ALA A 317 12.52 -7.89 -0.91
C ALA A 317 13.40 -8.17 -2.12
N PHE A 318 14.69 -7.92 -1.96
CA PHE A 318 15.66 -8.10 -3.04
C PHE A 318 15.16 -7.37 -4.30
N GLY A 319 14.58 -6.20 -4.09
CA GLY A 319 14.09 -5.37 -5.19
C GLY A 319 13.06 -5.98 -6.10
N GLY A 320 12.42 -7.06 -5.66
CA GLY A 320 11.40 -7.69 -6.48
C GLY A 320 11.95 -8.44 -7.68
N TRP A 321 13.26 -8.63 -7.75
CA TRP A 321 13.87 -9.34 -8.87
C TRP A 321 13.75 -10.85 -8.76
N LYS A 322 13.18 -11.49 -9.78
CA LYS A 322 13.15 -12.95 -9.77
C LYS A 322 14.64 -13.20 -10.00
N SER A 323 15.30 -13.62 -8.93
CA SER A 323 16.75 -13.84 -8.85
C SER A 323 17.55 -14.50 -9.95
N VAL A 324 17.26 -15.75 -10.26
CA VAL A 324 18.01 -16.47 -11.27
C VAL A 324 17.93 -15.85 -12.64
N GLU A 325 16.79 -15.28 -13.00
CA GLU A 325 16.65 -14.65 -14.32
C GLU A 325 17.06 -13.19 -14.36
N SER A 326 17.04 -12.51 -13.23
CA SER A 326 17.41 -11.10 -13.18
C SER A 326 18.87 -10.71 -12.89
N VAL A 327 19.48 -11.38 -11.92
CA VAL A 327 20.85 -11.06 -11.57
C VAL A 327 21.79 -11.06 -12.80
N PRO A 328 21.64 -12.03 -13.71
CA PRO A 328 22.53 -12.02 -14.88
C PRO A 328 22.27 -10.75 -15.71
N LYS A 329 21.01 -10.36 -15.82
CA LYS A 329 20.66 -9.17 -16.58
C LYS A 329 21.18 -7.92 -15.89
N LEU A 330 21.18 -7.92 -14.56
CA LEU A 330 21.70 -6.77 -13.82
C LEU A 330 23.21 -6.67 -14.07
N VAL A 331 23.88 -7.81 -14.11
CA VAL A 331 25.31 -7.81 -14.36
C VAL A 331 25.56 -7.23 -15.75
N SER A 332 24.73 -7.61 -16.72
CA SER A 332 24.87 -7.10 -18.08
C SER A 332 24.62 -5.59 -18.15
N GLU A 333 23.69 -5.10 -17.34
CA GLU A 333 23.41 -3.67 -17.32
C GLU A 333 24.62 -2.92 -16.75
N TYR A 334 25.32 -3.56 -15.82
CA TYR A 334 26.52 -2.94 -15.24
C TYR A 334 27.63 -2.94 -16.31
N MET A 335 27.78 -4.07 -16.99
CA MET A 335 28.80 -4.22 -18.04
C MET A 335 28.59 -3.20 -19.16
N SER A 336 27.33 -2.89 -19.45
CA SER A 336 27.00 -1.95 -20.51
C SER A 336 26.90 -0.51 -20.04
N LYS A 337 27.24 -0.27 -18.78
CA LYS A 337 27.22 1.07 -18.19
C LYS A 337 25.83 1.65 -17.92
N LYS A 338 24.79 0.81 -17.89
CA LYS A 338 23.45 1.33 -17.62
C LYS A 338 23.29 1.66 -16.14
N ILE A 339 23.90 0.83 -15.30
CA ILE A 339 23.85 1.05 -13.86
C ILE A 339 25.27 1.01 -13.32
N LYS A 340 25.47 1.56 -12.13
CA LYS A 340 26.79 1.62 -11.51
C LYS A 340 26.94 0.58 -10.41
N VAL A 341 28.17 0.14 -10.19
CA VAL A 341 28.48 -0.82 -9.13
C VAL A 341 29.77 -0.38 -8.45
N ASP A 342 30.78 -0.05 -9.26
CA ASP A 342 32.08 0.38 -8.76
C ASP A 342 31.98 1.52 -7.76
N GLU A 343 31.07 2.46 -8.03
CA GLU A 343 30.89 3.63 -7.16
C GLU A 343 30.39 3.30 -5.76
N PHE A 344 29.97 2.06 -5.54
CA PHE A 344 29.47 1.63 -4.24
C PHE A 344 30.61 1.12 -3.35
N VAL A 345 31.72 0.75 -3.96
CA VAL A 345 32.86 0.24 -3.19
C VAL A 345 33.67 1.38 -2.59
N THR A 346 33.63 1.50 -1.27
CA THR A 346 34.35 2.55 -0.58
C THR A 346 35.58 2.01 0.16
N HIS A 347 35.64 0.70 0.32
CA HIS A 347 36.75 0.07 1.04
C HIS A 347 37.06 -1.34 0.52
N ASN A 348 38.33 -1.73 0.65
CA ASN A 348 38.79 -3.05 0.22
C ASN A 348 39.69 -3.65 1.30
N LEU A 349 39.47 -4.93 1.60
CA LEU A 349 40.24 -5.62 2.63
C LEU A 349 40.55 -7.06 2.23
N SER A 350 41.47 -7.67 2.97
CA SER A 350 41.83 -9.07 2.74
C SER A 350 40.90 -9.89 3.64
N PHE A 351 40.77 -11.18 3.35
CA PHE A 351 39.91 -12.05 4.12
C PHE A 351 40.25 -12.04 5.62
N ASP A 352 41.53 -12.12 5.95
CA ASP A 352 41.94 -12.13 7.35
C ASP A 352 41.47 -10.92 8.15
N GLU A 353 41.33 -9.78 7.51
CA GLU A 353 40.87 -8.59 8.22
C GLU A 353 39.40 -8.27 7.97
N ILE A 354 38.61 -9.33 7.80
CA ILE A 354 37.18 -9.19 7.55
C ILE A 354 36.44 -8.45 8.66
N ASN A 355 36.89 -8.61 9.91
CA ASN A 355 36.24 -7.93 11.03
C ASN A 355 36.30 -6.41 10.90
N LYS A 356 37.29 -5.91 10.18
CA LYS A 356 37.43 -4.46 10.00
C LYS A 356 36.26 -3.94 9.17
N ALA A 357 35.67 -4.81 8.36
CA ALA A 357 34.54 -4.43 7.52
C ALA A 357 33.35 -4.11 8.43
N PHE A 358 33.24 -4.83 9.54
CA PHE A 358 32.16 -4.59 10.48
C PHE A 358 32.41 -3.30 11.25
N GLU A 359 33.66 -3.04 11.60
CA GLU A 359 34.02 -1.81 12.30
C GLU A 359 33.62 -0.61 11.44
N LEU A 360 33.96 -0.68 10.17
CA LEU A 360 33.65 0.39 9.23
C LEU A 360 32.16 0.69 9.15
N MET A 361 31.32 -0.34 9.28
CA MET A 361 29.88 -0.14 9.21
C MET A 361 29.35 0.60 10.45
N HIS A 362 29.85 0.23 11.62
N HIS A 362 29.87 0.19 11.60
CA HIS A 362 29.42 0.83 12.89
CA HIS A 362 29.45 0.79 12.85
C HIS A 362 29.90 2.28 12.97
C HIS A 362 30.19 2.09 13.16
N SER A 363 30.90 2.58 12.17
CA SER A 363 31.55 3.90 12.20
C SER A 363 30.75 4.85 11.31
N GLY A 364 29.98 4.28 10.38
CA GLY A 364 29.17 5.07 9.47
C GLY A 364 29.99 5.67 8.36
N LYS A 365 31.25 5.22 8.25
CA LYS A 365 32.16 5.74 7.24
C LYS A 365 32.22 4.94 5.94
N SER A 366 31.34 3.97 5.75
CA SER A 366 31.40 3.19 4.52
C SER A 366 30.05 2.93 3.89
N ILE A 367 30.08 2.56 2.61
CA ILE A 367 28.89 2.22 1.86
C ILE A 367 29.00 0.70 1.75
N ARG A 368 30.04 0.23 1.07
CA ARG A 368 30.29 -1.20 0.94
C ARG A 368 31.78 -1.52 0.95
N THR A 369 32.16 -2.52 1.73
CA THR A 369 33.53 -2.95 1.82
C THR A 369 33.63 -4.31 1.14
N VAL A 370 34.51 -4.42 0.16
CA VAL A 370 34.68 -5.69 -0.54
C VAL A 370 35.87 -6.43 0.05
N VAL A 371 35.63 -7.68 0.43
CA VAL A 371 36.65 -8.51 1.03
C VAL A 371 37.18 -9.51 0.01
N LYS A 372 38.47 -9.46 -0.23
CA LYS A 372 39.10 -10.37 -1.18
C LYS A 372 39.41 -11.69 -0.50
N ILE A 373 38.86 -12.77 -1.02
CA ILE A 373 39.10 -14.09 -0.44
C ILE A 373 40.54 -14.51 -0.70
N ALA B 1 -37.36 36.51 -11.54
CA ALA B 1 -35.99 36.03 -11.17
C ALA B 1 -36.10 34.88 -10.18
N ASN B 2 -34.97 34.36 -9.73
CA ASN B 2 -34.97 33.28 -8.76
C ASN B 2 -35.22 33.89 -7.39
N GLU B 3 -36.28 33.45 -6.74
CA GLU B 3 -36.66 33.96 -5.42
C GLU B 3 -36.23 33.05 -4.28
N VAL B 4 -36.40 33.56 -3.07
CA VAL B 4 -36.09 32.79 -1.88
C VAL B 4 -37.18 31.71 -1.82
N ILE B 5 -36.80 30.49 -1.47
CA ILE B 5 -37.76 29.41 -1.38
C ILE B 5 -38.00 29.07 0.09
N LYS B 6 -39.27 28.96 0.46
CA LYS B 6 -39.65 28.59 1.82
C LYS B 6 -40.07 27.13 1.72
N CYS B 7 -39.35 26.26 2.42
CA CYS B 7 -39.65 24.84 2.37
C CYS B 7 -39.28 24.16 3.68
N LYS B 8 -39.42 22.84 3.70
CA LYS B 8 -39.08 22.06 4.89
C LYS B 8 -37.71 21.42 4.73
N ALA B 9 -37.06 21.18 5.87
CA ALA B 9 -35.75 20.53 5.89
C ALA B 9 -35.59 19.85 7.23
N ALA B 10 -34.79 18.80 7.28
CA ALA B 10 -34.53 18.09 8.53
C ALA B 10 -33.30 18.76 9.11
N VAL B 11 -33.50 19.62 10.11
CA VAL B 11 -32.40 20.34 10.73
C VAL B 11 -31.81 19.65 11.94
N ALA B 12 -30.48 19.63 12.00
CA ALA B 12 -29.76 19.05 13.13
C ALA B 12 -29.38 20.28 13.95
N TRP B 13 -30.16 20.57 14.98
CA TRP B 13 -29.91 21.75 15.79
C TRP B 13 -28.67 21.60 16.67
N GLU B 14 -28.38 20.37 17.06
CA GLU B 14 -27.24 20.13 17.93
C GLU B 14 -26.85 18.66 17.92
N ALA B 15 -25.59 18.38 18.29
CA ALA B 15 -25.11 17.00 18.31
C ALA B 15 -25.87 16.16 19.33
N GLY B 16 -25.99 14.86 19.03
CA GLY B 16 -26.66 13.94 19.93
C GLY B 16 -28.17 14.01 20.02
N LYS B 17 -28.79 14.81 19.15
CA LYS B 17 -30.25 14.95 19.16
C LYS B 17 -30.82 14.51 17.81
N PRO B 18 -32.10 14.12 17.79
CA PRO B 18 -32.69 13.72 16.50
C PRO B 18 -32.86 14.92 15.59
N LEU B 19 -33.15 14.65 14.32
CA LEU B 19 -33.35 15.71 13.35
C LEU B 19 -34.75 16.26 13.55
N SER B 20 -34.91 17.54 13.23
CA SER B 20 -36.21 18.21 13.36
C SER B 20 -36.69 18.76 12.03
N ILE B 21 -37.89 18.39 11.63
CA ILE B 21 -38.43 18.90 10.36
C ILE B 21 -38.82 20.36 10.64
N GLU B 22 -38.14 21.28 10.00
CA GLU B 22 -38.41 22.70 10.22
C GLU B 22 -38.75 23.43 8.94
N GLU B 23 -39.36 24.60 9.08
CA GLU B 23 -39.68 25.46 7.95
C GLU B 23 -38.41 26.29 7.81
N ILE B 24 -37.77 26.23 6.64
CA ILE B 24 -36.55 27.00 6.43
C ILE B 24 -36.68 27.85 5.18
N GLU B 25 -35.67 28.67 4.93
CA GLU B 25 -35.63 29.51 3.74
C GLU B 25 -34.36 29.14 2.97
N VAL B 26 -34.50 28.95 1.67
CA VAL B 26 -33.37 28.61 0.82
C VAL B 26 -33.16 29.75 -0.17
N ALA B 27 -32.03 30.43 -0.05
CA ALA B 27 -31.71 31.55 -0.90
C ALA B 27 -31.51 31.11 -2.35
N PRO B 28 -31.71 32.03 -3.30
CA PRO B 28 -31.52 31.67 -4.71
C PRO B 28 -30.03 31.43 -4.98
N PRO B 29 -29.71 30.69 -6.04
CA PRO B 29 -28.33 30.38 -6.40
C PRO B 29 -27.52 31.60 -6.83
N LYS B 30 -26.33 31.75 -6.28
CA LYS B 30 -25.46 32.86 -6.66
C LYS B 30 -24.64 32.38 -7.85
N ALA B 31 -23.67 33.18 -8.28
CA ALA B 31 -22.84 32.81 -9.41
C ALA B 31 -22.24 31.41 -9.23
N HIS B 32 -22.34 30.59 -10.27
CA HIS B 32 -21.80 29.25 -10.25
C HIS B 32 -22.33 28.34 -9.14
N GLU B 33 -23.63 28.46 -8.87
CA GLU B 33 -24.29 27.63 -7.88
C GLU B 33 -25.54 27.08 -8.55
N VAL B 34 -26.06 25.98 -8.04
CA VAL B 34 -27.24 25.35 -8.60
C VAL B 34 -28.19 24.96 -7.48
N ARG B 35 -29.47 25.34 -7.60
CA ARG B 35 -30.45 24.99 -6.58
C ARG B 35 -31.17 23.74 -7.08
N ILE B 36 -31.23 22.73 -6.22
CA ILE B 36 -31.82 21.45 -6.59
C ILE B 36 -33.00 21.05 -5.73
N LYS B 37 -34.05 20.56 -6.38
CA LYS B 37 -35.21 20.07 -5.66
C LYS B 37 -34.88 18.60 -5.40
N ILE B 38 -34.72 18.24 -4.14
CA ILE B 38 -34.39 16.87 -3.78
C ILE B 38 -35.65 16.02 -3.79
N ILE B 39 -35.59 14.91 -4.52
CA ILE B 39 -36.75 14.02 -4.65
C ILE B 39 -36.64 12.81 -3.71
N ALA B 40 -35.43 12.31 -3.52
CA ALA B 40 -35.20 11.17 -2.65
C ALA B 40 -33.81 11.26 -2.05
N THR B 41 -33.67 10.77 -0.83
CA THR B 41 -32.38 10.78 -0.15
C THR B 41 -32.27 9.58 0.78
N ALA B 42 -31.04 9.12 1.02
CA ALA B 42 -30.82 7.99 1.91
C ALA B 42 -29.91 8.46 3.04
N VAL B 43 -29.80 7.64 4.08
CA VAL B 43 -28.97 7.97 5.23
C VAL B 43 -27.75 7.05 5.26
N CYS B 44 -26.60 7.65 5.52
CA CYS B 44 -25.32 6.93 5.56
C CYS B 44 -24.67 7.04 6.93
N HIS B 45 -23.86 6.04 7.26
CA HIS B 45 -23.14 6.03 8.51
C HIS B 45 -22.47 7.38 8.77
N THR B 46 -21.92 7.99 7.73
CA THR B 46 -21.24 9.27 7.90
C THR B 46 -22.17 10.35 8.46
N ASP B 47 -23.43 10.34 8.03
CA ASP B 47 -24.40 11.32 8.52
C ASP B 47 -24.57 11.15 10.03
N ALA B 48 -24.70 9.89 10.47
CA ALA B 48 -24.88 9.60 11.89
C ALA B 48 -23.64 9.97 12.68
N TYR B 49 -22.47 9.71 12.12
CA TYR B 49 -21.21 10.02 12.78
C TYR B 49 -21.16 11.51 13.14
N THR B 50 -21.50 12.35 12.17
CA THR B 50 -21.49 13.80 12.41
C THR B 50 -22.57 14.18 13.41
N LEU B 51 -23.75 13.59 13.27
CA LEU B 51 -24.86 13.90 14.17
C LEU B 51 -24.56 13.55 15.63
N SER B 52 -23.81 12.48 15.84
CA SER B 52 -23.46 12.00 17.18
C SER B 52 -22.66 13.00 18.01
N GLY B 53 -21.87 13.82 17.34
CA GLY B 53 -21.05 14.79 18.05
C GLY B 53 -19.61 14.31 18.17
N ALA B 54 -19.34 13.10 17.68
CA ALA B 54 -18.00 12.53 17.74
C ALA B 54 -17.08 13.05 16.65
N ASP B 55 -17.66 13.65 15.62
CA ASP B 55 -16.89 14.20 14.50
C ASP B 55 -16.23 15.51 14.93
N PRO B 56 -14.89 15.53 15.02
CA PRO B 56 -14.15 16.73 15.41
C PRO B 56 -14.45 17.96 14.55
N GLU B 57 -14.88 17.73 13.31
CA GLU B 57 -15.21 18.79 12.37
C GLU B 57 -16.69 19.16 12.38
N GLY B 58 -17.52 18.34 13.03
CA GLY B 58 -18.94 18.60 13.00
C GLY B 58 -19.38 19.91 13.63
N CYS B 59 -20.15 20.70 12.89
CA CYS B 59 -20.66 21.98 13.38
C CYS B 59 -22.17 22.04 13.22
N PHE B 60 -22.81 22.74 14.15
CA PHE B 60 -24.26 22.85 14.17
C PHE B 60 -24.69 24.32 14.32
N PRO B 61 -25.94 24.65 13.92
CA PRO B 61 -26.95 23.77 13.34
C PRO B 61 -26.58 23.45 11.90
N VAL B 62 -27.05 22.30 11.40
CA VAL B 62 -26.68 21.89 10.07
C VAL B 62 -27.73 21.00 9.40
N ILE B 63 -27.76 21.03 8.07
CA ILE B 63 -28.66 20.18 7.30
C ILE B 63 -27.76 19.11 6.70
N LEU B 64 -27.86 17.90 7.25
CA LEU B 64 -27.03 16.78 6.80
C LEU B 64 -27.56 16.15 5.51
N GLY B 65 -27.00 15.01 5.14
CA GLY B 65 -27.42 14.31 3.94
C GLY B 65 -26.49 14.47 2.76
N HIS B 66 -26.02 13.36 2.20
CA HIS B 66 -25.13 13.44 1.04
C HIS B 66 -25.42 12.38 0.00
N GLU B 67 -26.49 11.62 0.21
CA GLU B 67 -26.92 10.59 -0.72
C GLU B 67 -28.29 11.01 -1.24
N GLY B 68 -28.32 11.76 -2.34
CA GLY B 68 -29.59 12.20 -2.87
C GLY B 68 -29.67 12.26 -4.38
N ALA B 69 -30.87 12.54 -4.87
CA ALA B 69 -31.13 12.65 -6.30
C ALA B 69 -32.29 13.62 -6.45
N GLY B 70 -32.22 14.48 -7.46
CA GLY B 70 -33.28 15.43 -7.64
C GLY B 70 -33.33 16.06 -9.02
N ILE B 71 -33.92 17.24 -9.08
CA ILE B 71 -34.09 17.96 -10.34
C ILE B 71 -33.62 19.40 -10.14
N VAL B 72 -32.90 19.92 -11.13
CA VAL B 72 -32.42 21.31 -11.04
C VAL B 72 -33.63 22.25 -11.07
N GLU B 73 -33.74 23.07 -10.03
CA GLU B 73 -34.82 24.04 -9.91
C GLU B 73 -34.41 25.35 -10.57
N SER B 74 -33.15 25.72 -10.42
CA SER B 74 -32.63 26.94 -11.04
C SER B 74 -31.12 27.00 -10.94
N VAL B 75 -30.50 27.85 -11.76
CA VAL B 75 -29.05 27.98 -11.74
C VAL B 75 -28.64 29.43 -11.59
N GLY B 76 -27.44 29.63 -11.04
CA GLY B 76 -26.94 30.97 -10.86
C GLY B 76 -26.23 31.50 -12.09
N GLU B 77 -25.72 32.72 -11.97
CA GLU B 77 -25.01 33.38 -13.06
C GLU B 77 -23.77 32.58 -13.47
N GLY B 78 -23.53 32.51 -14.78
CA GLY B 78 -22.36 31.79 -15.27
C GLY B 78 -22.54 30.30 -15.49
N VAL B 79 -23.69 29.75 -15.11
CA VAL B 79 -23.95 28.33 -15.29
C VAL B 79 -24.62 28.08 -16.63
N THR B 80 -23.99 27.27 -17.48
CA THR B 80 -24.54 26.96 -18.79
C THR B 80 -24.72 25.48 -19.08
N LYS B 81 -23.93 24.63 -18.44
CA LYS B 81 -24.03 23.18 -18.65
C LYS B 81 -25.26 22.57 -17.98
N LEU B 82 -25.83 23.31 -17.04
CA LEU B 82 -27.00 22.83 -16.31
C LEU B 82 -28.13 23.85 -16.44
N LYS B 83 -29.36 23.37 -16.35
CA LYS B 83 -30.53 24.23 -16.47
C LYS B 83 -31.71 23.62 -15.72
N ALA B 84 -32.70 24.44 -15.41
CA ALA B 84 -33.88 23.97 -14.70
C ALA B 84 -34.45 22.75 -15.42
N GLY B 85 -34.78 21.72 -14.66
CA GLY B 85 -35.34 20.51 -15.27
C GLY B 85 -34.36 19.35 -15.41
N ASP B 86 -33.06 19.63 -15.43
CA ASP B 86 -32.07 18.55 -15.55
C ASP B 86 -32.15 17.60 -14.36
N THR B 87 -32.03 16.31 -14.64
CA THR B 87 -32.06 15.28 -13.60
C THR B 87 -30.64 15.18 -13.07
N VAL B 88 -30.46 15.28 -11.76
CA VAL B 88 -29.12 15.26 -11.20
C VAL B 88 -28.91 14.54 -9.86
N ILE B 89 -27.63 14.40 -9.52
CA ILE B 89 -27.21 13.79 -8.26
C ILE B 89 -26.14 14.71 -7.67
N PRO B 90 -26.37 15.23 -6.44
CA PRO B 90 -25.43 16.11 -5.75
C PRO B 90 -24.18 15.31 -5.41
N LEU B 91 -23.01 15.94 -5.48
CA LEU B 91 -21.75 15.24 -5.23
C LEU B 91 -20.92 15.83 -4.09
N TYR B 92 -20.57 15.03 -3.09
CA TYR B 92 -19.75 15.56 -2.00
C TYR B 92 -18.28 15.64 -2.44
N ILE B 93 -17.93 14.90 -3.49
CA ILE B 93 -16.59 14.96 -4.07
C ILE B 93 -16.87 15.65 -5.40
N PRO B 94 -16.49 16.93 -5.53
CA PRO B 94 -16.75 17.65 -6.79
C PRO B 94 -15.71 17.33 -7.87
N GLN B 95 -15.83 18.00 -9.01
CA GLN B 95 -14.88 17.82 -10.09
C GLN B 95 -14.82 19.12 -10.89
N CYS B 96 -13.94 20.02 -10.49
CA CYS B 96 -13.80 21.30 -11.18
C CYS B 96 -13.10 21.09 -12.52
N GLY B 97 -12.36 20.00 -12.62
CA GLY B 97 -11.66 19.67 -13.86
C GLY B 97 -10.46 20.55 -14.19
N GLU B 98 -10.06 21.41 -13.26
CA GLU B 98 -8.94 22.31 -13.51
C GLU B 98 -7.82 22.26 -12.47
N CYS B 99 -8.11 21.79 -11.26
CA CYS B 99 -7.08 21.76 -10.22
C CYS B 99 -6.07 20.64 -10.46
N LYS B 100 -4.99 20.62 -9.69
CA LYS B 100 -3.97 19.59 -9.91
C LYS B 100 -4.47 18.18 -9.67
N PHE B 101 -5.49 18.03 -8.82
CA PHE B 101 -6.03 16.69 -8.58
C PHE B 101 -6.93 16.25 -9.74
N CYS B 102 -7.78 17.15 -10.21
CA CYS B 102 -8.67 16.81 -11.32
C CYS B 102 -7.87 16.46 -12.58
N LEU B 103 -6.76 17.15 -12.77
CA LEU B 103 -5.91 16.93 -13.95
C LEU B 103 -5.11 15.64 -13.87
N ASN B 104 -4.96 15.10 -12.66
CA ASN B 104 -4.19 13.87 -12.47
C ASN B 104 -5.11 12.65 -12.54
N PRO B 105 -4.87 11.75 -13.51
CA PRO B 105 -5.65 10.54 -13.71
C PRO B 105 -5.67 9.56 -12.53
N LYS B 106 -4.74 9.73 -11.60
CA LYS B 106 -4.63 8.82 -10.46
C LYS B 106 -5.48 9.15 -9.23
N THR B 107 -6.24 10.23 -9.28
CA THR B 107 -7.05 10.60 -8.12
C THR B 107 -8.35 11.30 -8.53
N ASN B 108 -9.29 11.39 -7.59
CA ASN B 108 -10.58 12.03 -7.84
C ASN B 108 -10.83 13.09 -6.77
N LEU B 109 -9.81 13.35 -5.95
CA LEU B 109 -9.96 14.28 -4.85
C LEU B 109 -9.82 15.77 -5.19
N CYS B 110 -10.76 16.30 -5.96
CA CYS B 110 -10.76 17.71 -6.34
C CYS B 110 -10.69 18.56 -5.06
N GLN B 111 -9.81 19.55 -5.06
CA GLN B 111 -9.63 20.40 -3.90
C GLN B 111 -10.14 21.83 -4.05
N LYS B 112 -10.75 22.12 -5.20
CA LYS B 112 -11.24 23.46 -5.51
C LYS B 112 -12.09 24.17 -4.44
N ILE B 113 -13.01 23.45 -3.80
CA ILE B 113 -13.87 24.07 -2.80
C ILE B 113 -13.83 23.38 -1.44
N ARG B 114 -12.78 22.61 -1.20
CA ARG B 114 -12.62 21.87 0.06
C ARG B 114 -12.70 22.70 1.33
N VAL B 115 -12.03 23.85 1.34
CA VAL B 115 -12.01 24.72 2.51
C VAL B 115 -13.40 25.17 2.94
N THR B 116 -14.12 25.81 2.03
CA THR B 116 -15.47 26.28 2.34
C THR B 116 -16.41 25.12 2.61
N GLN B 117 -16.28 24.03 1.86
CA GLN B 117 -17.17 22.89 2.07
C GLN B 117 -17.00 22.32 3.47
N GLY B 118 -15.77 22.30 3.96
CA GLY B 118 -15.51 21.79 5.29
C GLY B 118 -16.10 22.67 6.37
N LYS B 119 -16.40 23.93 6.03
CA LYS B 119 -16.98 24.86 6.98
C LYS B 119 -18.49 24.95 6.83
N GLY B 120 -19.05 24.16 5.93
CA GLY B 120 -20.48 24.15 5.70
C GLY B 120 -20.96 25.38 4.95
N LEU B 121 -20.11 25.90 4.08
CA LEU B 121 -20.43 27.11 3.32
C LEU B 121 -20.26 26.93 1.82
N MET B 122 -20.91 27.78 1.04
CA MET B 122 -20.78 27.73 -0.41
C MET B 122 -19.39 28.32 -0.71
N PRO B 123 -18.92 28.17 -1.95
CA PRO B 123 -17.59 28.69 -2.30
C PRO B 123 -17.33 30.16 -1.96
N ASP B 124 -18.39 30.98 -1.91
CA ASP B 124 -18.20 32.39 -1.61
C ASP B 124 -18.11 32.67 -0.11
N GLY B 125 -18.11 31.60 0.70
CA GLY B 125 -17.99 31.75 2.13
C GLY B 125 -19.25 32.01 2.94
N THR B 126 -20.41 31.79 2.36
CA THR B 126 -21.67 32.01 3.08
C THR B 126 -22.62 30.85 2.83
N SER B 127 -23.63 30.73 3.69
CA SER B 127 -24.63 29.66 3.59
C SER B 127 -25.92 30.18 2.95
N ARG B 128 -26.62 29.28 2.26
CA ARG B 128 -27.88 29.64 1.60
C ARG B 128 -29.07 29.26 2.47
N PHE B 129 -28.80 28.70 3.65
CA PHE B 129 -29.86 28.25 4.55
C PHE B 129 -30.06 29.10 5.80
N THR B 130 -31.32 29.35 6.14
CA THR B 130 -31.67 30.07 7.37
C THR B 130 -32.93 29.42 7.93
N CYS B 131 -33.10 29.49 9.23
CA CYS B 131 -34.26 28.91 9.89
C CYS B 131 -34.50 29.63 11.20
N LYS B 132 -35.67 30.24 11.34
CA LYS B 132 -36.02 30.97 12.54
C LYS B 132 -34.98 32.02 12.88
N GLY B 133 -34.52 32.74 11.86
CA GLY B 133 -33.54 33.80 12.05
C GLY B 133 -32.10 33.37 12.24
N LYS B 134 -31.84 32.07 12.17
CA LYS B 134 -30.48 31.58 12.36
C LYS B 134 -29.88 30.96 11.11
N THR B 135 -28.57 31.12 10.96
CA THR B 135 -27.86 30.57 9.82
C THR B 135 -27.73 29.06 10.05
N ILE B 136 -28.05 28.28 9.02
CA ILE B 136 -27.94 26.83 9.10
C ILE B 136 -26.86 26.42 8.12
N LEU B 137 -25.89 25.64 8.58
CA LEU B 137 -24.78 25.21 7.74
C LEU B 137 -25.10 24.14 6.70
N HIS B 138 -24.31 24.12 5.63
CA HIS B 138 -24.42 23.12 4.58
C HIS B 138 -23.61 21.93 5.12
N TYR B 139 -23.72 20.77 4.48
CA TYR B 139 -22.98 19.59 4.89
C TYR B 139 -22.45 18.80 3.70
N MET B 140 -21.14 18.58 3.67
CA MET B 140 -20.50 17.82 2.59
C MET B 140 -20.85 18.37 1.22
N GLY B 141 -21.09 19.69 1.17
CA GLY B 141 -21.43 20.36 -0.07
C GLY B 141 -22.73 19.92 -0.71
N THR B 142 -23.53 19.11 -0.02
CA THR B 142 -24.77 18.60 -0.59
C THR B 142 -26.07 18.88 0.18
N SER B 143 -26.06 18.68 1.50
CA SER B 143 -27.24 18.89 2.34
C SER B 143 -28.54 18.38 1.69
N THR B 144 -28.60 17.08 1.46
CA THR B 144 -29.76 16.45 0.81
C THR B 144 -31.00 16.25 1.69
N PHE B 145 -30.91 16.55 2.98
CA PHE B 145 -32.06 16.39 3.88
C PHE B 145 -32.94 17.64 3.87
N SER B 146 -33.24 18.12 2.67
CA SER B 146 -34.05 19.32 2.49
C SER B 146 -34.83 19.23 1.18
N GLU B 147 -36.00 19.85 1.12
CA GLU B 147 -36.79 19.80 -0.10
C GLU B 147 -36.02 20.49 -1.22
N TYR B 148 -35.22 21.49 -0.84
CA TYR B 148 -34.40 22.24 -1.79
C TYR B 148 -33.03 22.53 -1.18
N THR B 149 -31.98 22.31 -1.96
CA THR B 149 -30.62 22.58 -1.50
C THR B 149 -29.91 23.38 -2.59
N VAL B 150 -28.81 24.03 -2.21
CA VAL B 150 -28.01 24.79 -3.17
C VAL B 150 -26.60 24.24 -3.08
N VAL B 151 -26.01 23.92 -4.23
CA VAL B 151 -24.66 23.37 -4.28
C VAL B 151 -23.80 24.10 -5.30
N ALA B 152 -22.48 23.90 -5.19
CA ALA B 152 -21.55 24.52 -6.13
C ALA B 152 -21.82 23.85 -7.47
N ASP B 153 -21.65 24.58 -8.57
CA ASP B 153 -21.93 23.98 -9.88
C ASP B 153 -20.99 22.84 -10.25
N ILE B 154 -19.88 22.70 -9.53
CA ILE B 154 -18.95 21.61 -9.80
C ILE B 154 -19.29 20.40 -8.93
N SER B 155 -20.35 20.51 -8.15
CA SER B 155 -20.79 19.43 -7.26
C SER B 155 -22.04 18.77 -7.82
N VAL B 156 -22.18 18.80 -9.14
CA VAL B 156 -23.37 18.23 -9.78
C VAL B 156 -23.11 17.30 -10.95
N ALA B 157 -23.80 16.17 -10.95
CA ALA B 157 -23.69 15.20 -12.03
C ALA B 157 -25.04 15.17 -12.72
N LYS B 158 -25.07 15.43 -14.03
CA LYS B 158 -26.31 15.40 -14.79
C LYS B 158 -26.50 13.97 -15.25
N ILE B 159 -27.63 13.37 -14.92
CA ILE B 159 -27.87 11.98 -15.27
C ILE B 159 -29.04 11.69 -16.21
N ASP B 160 -29.16 10.44 -16.59
CA ASP B 160 -30.23 9.97 -17.47
C ASP B 160 -31.59 10.40 -16.90
N PRO B 161 -32.38 11.16 -17.68
CA PRO B 161 -33.71 11.67 -17.30
C PRO B 161 -34.74 10.60 -16.95
N LEU B 162 -34.49 9.36 -17.35
CA LEU B 162 -35.43 8.28 -17.06
C LEU B 162 -35.09 7.49 -15.79
N ALA B 163 -33.98 7.83 -15.16
CA ALA B 163 -33.55 7.13 -13.95
C ALA B 163 -34.49 7.34 -12.77
N PRO B 164 -34.84 6.26 -12.06
CA PRO B 164 -35.73 6.38 -10.90
C PRO B 164 -34.91 7.00 -9.76
N LEU B 165 -35.27 8.22 -9.37
CA LEU B 165 -34.54 8.93 -8.34
C LEU B 165 -34.61 8.29 -6.95
N ASP B 166 -35.67 7.55 -6.68
CA ASP B 166 -35.83 6.89 -5.40
C ASP B 166 -34.90 5.68 -5.30
N LYS B 167 -34.09 5.48 -6.33
CA LYS B 167 -33.13 4.38 -6.33
C LYS B 167 -31.69 4.89 -6.56
N VAL B 168 -31.48 5.70 -7.60
CA VAL B 168 -30.14 6.18 -7.90
C VAL B 168 -29.54 7.16 -6.90
N CYS B 169 -30.34 7.64 -5.96
CA CYS B 169 -29.80 8.55 -4.94
C CYS B 169 -28.70 7.79 -4.19
N LEU B 170 -28.79 6.46 -4.18
CA LEU B 170 -27.80 5.63 -3.49
C LEU B 170 -26.43 5.66 -4.14
N LEU B 171 -26.36 6.12 -5.40
CA LEU B 171 -25.08 6.20 -6.08
C LEU B 171 -24.34 7.45 -5.58
N GLY B 172 -25.00 8.19 -4.71
CA GLY B 172 -24.40 9.38 -4.15
C GLY B 172 -23.25 9.07 -3.20
N CYS B 173 -23.15 7.82 -2.75
CA CYS B 173 -22.06 7.45 -1.85
C CYS B 173 -21.75 5.96 -1.73
N GLY B 174 -22.55 5.26 -0.93
CA GLY B 174 -22.35 3.84 -0.69
C GLY B 174 -22.04 2.89 -1.83
N ILE B 175 -22.98 2.75 -2.76
CA ILE B 175 -22.80 1.85 -3.88
C ILE B 175 -21.56 2.21 -4.71
N SER B 176 -21.43 3.48 -5.05
CA SER B 176 -20.30 3.93 -5.86
C SER B 176 -18.96 3.70 -5.17
N THR B 177 -18.92 3.94 -3.87
CA THR B 177 -17.68 3.75 -3.12
C THR B 177 -17.22 2.28 -3.15
N GLY B 178 -18.14 1.37 -2.83
CA GLY B 178 -17.77 -0.04 -2.81
C GLY B 178 -17.45 -0.60 -4.19
N TYR B 179 -18.30 -0.27 -5.16
CA TYR B 179 -18.11 -0.75 -6.53
C TYR B 179 -16.77 -0.24 -7.05
N GLY B 180 -16.50 1.04 -6.82
CA GLY B 180 -15.25 1.63 -7.27
C GLY B 180 -14.02 1.06 -6.58
N ALA B 181 -14.14 0.74 -5.30
CA ALA B 181 -13.01 0.17 -4.57
C ALA B 181 -12.50 -1.08 -5.27
N ALA B 182 -13.42 -1.85 -5.83
CA ALA B 182 -13.06 -3.07 -6.53
C ALA B 182 -12.52 -2.85 -7.95
N VAL B 183 -13.25 -2.09 -8.75
CA VAL B 183 -12.85 -1.85 -10.13
C VAL B 183 -11.88 -0.71 -10.40
N ASN B 184 -11.74 0.22 -9.47
CA ASN B 184 -10.83 1.35 -9.65
C ASN B 184 -9.58 1.24 -8.79
N THR B 185 -9.77 1.02 -7.49
CA THR B 185 -8.64 0.94 -6.56
C THR B 185 -7.92 -0.40 -6.63
N ALA B 186 -8.66 -1.49 -6.49
CA ALA B 186 -8.04 -2.80 -6.53
C ALA B 186 -7.73 -3.20 -7.97
N LYS B 187 -8.68 -2.95 -8.87
CA LYS B 187 -8.55 -3.32 -10.27
C LYS B 187 -8.27 -4.83 -10.34
N LEU B 188 -9.00 -5.60 -9.54
CA LEU B 188 -8.79 -7.04 -9.50
C LEU B 188 -8.97 -7.70 -10.87
N GLU B 189 -8.16 -8.72 -11.11
CA GLU B 189 -8.20 -9.46 -12.36
C GLU B 189 -9.16 -10.64 -12.31
N PRO B 190 -9.62 -11.12 -13.47
CA PRO B 190 -10.54 -12.25 -13.48
C PRO B 190 -9.88 -13.45 -12.77
N GLY B 191 -10.67 -14.17 -11.99
CA GLY B 191 -10.14 -15.32 -11.28
C GLY B 191 -9.59 -15.01 -9.91
N SER B 192 -9.52 -13.73 -9.55
CA SER B 192 -8.98 -13.33 -8.26
C SER B 192 -9.79 -13.88 -7.08
N VAL B 193 -9.09 -14.12 -5.97
CA VAL B 193 -9.72 -14.60 -4.74
C VAL B 193 -9.81 -13.39 -3.83
N CYS B 194 -11.04 -13.04 -3.43
CA CYS B 194 -11.27 -11.87 -2.60
C CYS B 194 -11.97 -12.12 -1.27
N ALA B 195 -11.77 -11.20 -0.34
CA ALA B 195 -12.39 -11.25 0.97
C ALA B 195 -12.96 -9.85 1.23
N VAL B 196 -14.21 -9.78 1.66
CA VAL B 196 -14.86 -8.49 1.93
C VAL B 196 -15.30 -8.45 3.39
N PHE B 197 -14.70 -7.55 4.16
CA PHE B 197 -15.04 -7.39 5.58
C PHE B 197 -16.13 -6.35 5.77
N GLY B 198 -17.27 -6.79 6.28
CA GLY B 198 -18.39 -5.90 6.48
C GLY B 198 -19.34 -6.10 5.31
N LEU B 199 -20.57 -6.52 5.61
CA LEU B 199 -21.52 -6.79 4.55
C LEU B 199 -22.72 -5.84 4.52
N GLY B 200 -22.44 -4.56 4.77
CA GLY B 200 -23.48 -3.56 4.71
C GLY B 200 -23.53 -3.12 3.26
N GLY B 201 -24.16 -1.98 2.99
CA GLY B 201 -24.25 -1.51 1.62
C GLY B 201 -22.91 -1.38 0.91
N VAL B 202 -21.90 -0.89 1.62
CA VAL B 202 -20.57 -0.72 1.02
C VAL B 202 -19.96 -2.06 0.64
N GLY B 203 -19.97 -3.01 1.57
CA GLY B 203 -19.41 -4.32 1.30
C GLY B 203 -20.15 -5.04 0.18
N LEU B 204 -21.47 -4.89 0.14
CA LEU B 204 -22.25 -5.53 -0.91
C LEU B 204 -21.88 -4.96 -2.27
N ALA B 205 -21.58 -3.66 -2.31
CA ALA B 205 -21.18 -3.01 -3.56
C ALA B 205 -19.81 -3.52 -3.98
N VAL B 206 -18.94 -3.79 -3.00
CA VAL B 206 -17.62 -4.31 -3.30
C VAL B 206 -17.78 -5.69 -3.92
N ILE B 207 -18.63 -6.52 -3.30
CA ILE B 207 -18.88 -7.86 -3.82
C ILE B 207 -19.40 -7.74 -5.25
N MET B 208 -20.31 -6.81 -5.46
CA MET B 208 -20.89 -6.59 -6.78
C MET B 208 -19.78 -6.28 -7.80
N GLY B 209 -18.81 -5.47 -7.39
CA GLY B 209 -17.71 -5.11 -8.27
C GLY B 209 -16.80 -6.30 -8.51
N CYS B 210 -16.57 -7.09 -7.46
CA CYS B 210 -15.72 -8.27 -7.59
C CYS B 210 -16.33 -9.26 -8.57
N LYS B 211 -17.67 -9.36 -8.57
CA LYS B 211 -18.34 -10.28 -9.48
C LYS B 211 -18.27 -9.74 -10.91
N VAL B 212 -18.42 -8.44 -11.08
CA VAL B 212 -18.33 -7.83 -12.40
C VAL B 212 -16.92 -8.06 -12.95
N ALA B 213 -15.93 -8.00 -12.06
CA ALA B 213 -14.52 -8.19 -12.45
C ALA B 213 -14.17 -9.65 -12.71
N GLY B 214 -15.07 -10.56 -12.38
CA GLY B 214 -14.83 -11.97 -12.62
C GLY B 214 -14.04 -12.72 -11.57
N ALA B 215 -14.20 -12.34 -10.30
CA ALA B 215 -13.49 -13.03 -9.22
C ALA B 215 -13.94 -14.49 -9.17
N SER B 216 -13.01 -15.40 -8.87
CA SER B 216 -13.35 -16.82 -8.79
C SER B 216 -13.90 -17.13 -7.41
N ARG B 217 -13.51 -16.32 -6.43
CA ARG B 217 -13.93 -16.55 -5.06
C ARG B 217 -14.12 -15.23 -4.33
N ILE B 218 -15.26 -15.08 -3.66
CA ILE B 218 -15.58 -13.87 -2.91
C ILE B 218 -16.08 -14.28 -1.53
N ILE B 219 -15.22 -14.12 -0.53
CA ILE B 219 -15.56 -14.50 0.84
C ILE B 219 -16.02 -13.30 1.65
N GLY B 220 -17.30 -13.32 2.04
CA GLY B 220 -17.85 -12.25 2.85
C GLY B 220 -17.61 -12.51 4.31
N VAL B 221 -17.29 -11.47 5.06
CA VAL B 221 -17.03 -11.58 6.49
C VAL B 221 -17.85 -10.57 7.28
N ASP B 222 -18.61 -11.05 8.27
CA ASP B 222 -19.43 -10.17 9.09
C ASP B 222 -19.82 -10.89 10.37
N ILE B 223 -19.85 -10.15 11.48
CA ILE B 223 -20.22 -10.75 12.76
C ILE B 223 -21.73 -10.90 12.88
N ASN B 224 -22.47 -10.33 11.94
CA ASN B 224 -23.92 -10.43 11.92
C ASN B 224 -24.30 -11.39 10.81
N LYS B 225 -24.59 -12.64 11.15
CA LYS B 225 -24.92 -13.63 10.13
C LYS B 225 -26.19 -13.34 9.33
N ASP B 226 -27.00 -12.38 9.78
CA ASP B 226 -28.20 -12.05 9.04
C ASP B 226 -27.87 -11.36 7.72
N LYS B 227 -26.61 -10.94 7.57
CA LYS B 227 -26.16 -10.25 6.36
C LYS B 227 -25.70 -11.21 5.26
N PHE B 228 -25.51 -12.47 5.62
CA PHE B 228 -25.02 -13.46 4.66
C PHE B 228 -25.92 -13.74 3.45
N ALA B 229 -27.22 -13.91 3.70
CA ALA B 229 -28.15 -14.21 2.61
C ALA B 229 -28.03 -13.24 1.45
N ARG B 230 -28.13 -11.94 1.74
CA ARG B 230 -28.04 -10.93 0.70
C ARG B 230 -26.64 -10.88 0.08
N ALA B 231 -25.61 -11.12 0.89
CA ALA B 231 -24.25 -11.11 0.37
C ALA B 231 -24.09 -12.17 -0.72
N LYS B 232 -24.65 -13.36 -0.48
CA LYS B 232 -24.56 -14.43 -1.47
C LYS B 232 -25.35 -14.07 -2.72
N GLU B 233 -26.46 -13.34 -2.56
CA GLU B 233 -27.26 -12.94 -3.70
C GLU B 233 -26.45 -12.00 -4.59
N PHE B 234 -25.59 -11.19 -3.96
CA PHE B 234 -24.75 -10.25 -4.69
C PHE B 234 -23.54 -10.93 -5.32
N GLY B 235 -23.25 -12.16 -4.92
CA GLY B 235 -22.13 -12.87 -5.50
C GLY B 235 -21.13 -13.53 -4.57
N ALA B 236 -21.29 -13.37 -3.26
CA ALA B 236 -20.35 -13.98 -2.32
C ALA B 236 -20.41 -15.50 -2.50
N THR B 237 -19.24 -16.12 -2.60
CA THR B 237 -19.18 -17.57 -2.78
C THR B 237 -19.30 -18.30 -1.44
N GLU B 238 -19.03 -17.57 -0.36
CA GLU B 238 -19.16 -18.12 0.98
C GLU B 238 -19.04 -16.99 2.00
N CYS B 239 -19.66 -17.17 3.16
CA CYS B 239 -19.63 -16.15 4.21
C CYS B 239 -19.19 -16.75 5.52
N ILE B 240 -18.36 -16.00 6.25
CA ILE B 240 -17.88 -16.47 7.53
C ILE B 240 -18.08 -15.41 8.61
N ASN B 241 -18.34 -15.88 9.82
CA ASN B 241 -18.54 -15.02 10.97
C ASN B 241 -17.33 -15.18 11.87
N PRO B 242 -16.55 -14.10 12.06
CA PRO B 242 -15.36 -14.14 12.91
C PRO B 242 -15.63 -14.78 14.26
N GLN B 243 -16.86 -14.63 14.74
CA GLN B 243 -17.26 -15.18 16.03
C GLN B 243 -17.33 -16.70 16.09
N ASP B 244 -17.38 -17.36 14.93
CA ASP B 244 -17.46 -18.82 14.89
C ASP B 244 -16.09 -19.48 15.01
N PHE B 245 -15.03 -18.67 15.03
CA PHE B 245 -13.67 -19.20 15.12
C PHE B 245 -12.96 -18.70 16.38
N SER B 246 -11.99 -19.48 16.84
CA SER B 246 -11.22 -19.12 18.03
C SER B 246 -9.89 -18.49 17.64
N LYS B 247 -9.54 -18.59 16.36
CA LYS B 247 -8.28 -18.01 15.87
C LYS B 247 -8.57 -16.67 15.20
N PRO B 248 -7.57 -15.77 15.14
CA PRO B 248 -7.78 -14.47 14.51
C PRO B 248 -8.31 -14.69 13.09
N ILE B 249 -9.21 -13.83 12.65
CA ILE B 249 -9.81 -13.96 11.33
C ILE B 249 -8.82 -14.04 10.17
N GLN B 250 -7.68 -13.37 10.25
CA GLN B 250 -6.70 -13.44 9.17
C GLN B 250 -6.15 -14.86 9.03
N GLU B 251 -5.98 -15.55 10.15
CA GLU B 251 -5.48 -16.92 10.12
C GLU B 251 -6.52 -17.82 9.48
N VAL B 252 -7.79 -17.55 9.77
CA VAL B 252 -8.89 -18.33 9.22
C VAL B 252 -8.89 -18.22 7.69
N LEU B 253 -8.80 -16.98 7.20
CA LEU B 253 -8.79 -16.72 5.77
C LEU B 253 -7.58 -17.34 5.07
N ILE B 254 -6.41 -17.20 5.67
CA ILE B 254 -5.19 -17.75 5.10
C ILE B 254 -5.32 -19.26 4.91
N GLU B 255 -5.83 -19.91 5.94
CA GLU B 255 -6.03 -21.35 5.93
C GLU B 255 -7.12 -21.78 4.94
N MET B 256 -8.07 -20.90 4.69
CA MET B 256 -9.17 -21.16 3.74
C MET B 256 -8.74 -20.98 2.28
N THR B 257 -7.69 -20.20 2.08
CA THR B 257 -7.24 -19.90 0.73
C THR B 257 -5.82 -20.34 0.40
N ASP B 258 -5.25 -21.19 1.25
CA ASP B 258 -3.89 -21.69 1.04
C ASP B 258 -2.87 -20.57 0.89
N GLY B 259 -2.86 -19.63 1.84
CA GLY B 259 -1.90 -18.55 1.78
C GLY B 259 -2.46 -17.15 2.00
N GLY B 260 -3.75 -16.97 1.70
CA GLY B 260 -4.35 -15.67 1.87
C GLY B 260 -5.06 -15.26 0.58
N VAL B 261 -5.86 -14.21 0.65
CA VAL B 261 -6.60 -13.74 -0.51
C VAL B 261 -5.75 -12.82 -1.40
N ASP B 262 -6.16 -12.69 -2.65
CA ASP B 262 -5.45 -11.82 -3.59
C ASP B 262 -5.81 -10.38 -3.25
N TYR B 263 -7.08 -10.15 -2.90
CA TYR B 263 -7.56 -8.82 -2.54
C TYR B 263 -8.53 -8.89 -1.37
N SER B 264 -8.39 -7.94 -0.44
CA SER B 264 -9.30 -7.84 0.70
C SER B 264 -9.77 -6.40 0.75
N PHE B 265 -10.98 -6.21 1.27
CA PHE B 265 -11.56 -4.87 1.38
C PHE B 265 -12.18 -4.71 2.77
N GLU B 266 -11.78 -3.66 3.48
CA GLU B 266 -12.33 -3.40 4.81
C GLU B 266 -13.45 -2.39 4.62
N CYS B 267 -14.67 -2.82 4.89
CA CYS B 267 -15.85 -1.98 4.73
C CYS B 267 -16.60 -1.80 6.06
N ILE B 268 -15.83 -1.51 7.11
CA ILE B 268 -16.40 -1.35 8.44
C ILE B 268 -15.96 -0.06 9.12
N GLY B 269 -14.66 0.21 9.09
CA GLY B 269 -14.11 1.39 9.73
C GLY B 269 -13.55 1.02 11.10
N ASN B 270 -13.07 -0.22 11.20
CA ASN B 270 -12.50 -0.76 12.44
C ASN B 270 -11.00 -0.98 12.21
N VAL B 271 -10.15 -0.20 12.88
CA VAL B 271 -8.71 -0.34 12.67
C VAL B 271 -8.14 -1.73 12.95
N LYS B 272 -8.76 -2.49 13.84
CA LYS B 272 -8.27 -3.82 14.13
C LYS B 272 -8.60 -4.75 12.99
N VAL B 273 -9.77 -4.56 12.39
CA VAL B 273 -10.18 -5.38 11.26
C VAL B 273 -9.37 -4.96 10.04
N MET B 274 -8.96 -3.70 10.00
CA MET B 274 -8.15 -3.23 8.88
C MET B 274 -6.83 -3.98 8.89
N ARG B 275 -6.24 -4.15 10.06
CA ARG B 275 -4.99 -4.87 10.17
C ARG B 275 -5.20 -6.31 9.74
N ALA B 276 -6.29 -6.91 10.21
CA ALA B 276 -6.60 -8.30 9.86
C ALA B 276 -6.79 -8.45 8.36
N ALA B 277 -7.45 -7.47 7.74
CA ALA B 277 -7.68 -7.51 6.30
C ALA B 277 -6.37 -7.53 5.53
N LEU B 278 -5.40 -6.73 6.00
CA LEU B 278 -4.10 -6.68 5.35
C LEU B 278 -3.38 -8.01 5.53
N GLU B 279 -3.34 -8.49 6.76
CA GLU B 279 -2.65 -9.74 7.07
C GLU B 279 -3.32 -10.97 6.47
N ALA B 280 -4.59 -10.83 6.10
CA ALA B 280 -5.32 -11.96 5.50
C ALA B 280 -4.93 -12.07 4.02
N CYS B 281 -4.18 -11.10 3.52
CA CYS B 281 -3.75 -11.11 2.12
C CYS B 281 -2.57 -12.05 1.89
N HIS B 282 -2.55 -12.62 0.68
CA HIS B 282 -1.51 -13.56 0.29
C HIS B 282 -0.13 -12.92 0.25
N LYS B 283 0.87 -13.68 0.67
CA LYS B 283 2.25 -13.22 0.68
C LYS B 283 2.62 -12.93 -0.78
N GLY B 284 3.55 -12.02 -0.98
CA GLY B 284 4.01 -11.71 -2.32
C GLY B 284 3.20 -10.79 -3.22
N TRP B 285 1.87 -10.91 -3.21
CA TRP B 285 1.06 -10.07 -4.09
C TRP B 285 -0.28 -9.59 -3.55
N GLY B 286 -0.59 -9.92 -2.30
CA GLY B 286 -1.87 -9.50 -1.74
C GLY B 286 -2.04 -8.00 -1.62
N VAL B 287 -3.25 -7.52 -1.86
CA VAL B 287 -3.56 -6.09 -1.77
C VAL B 287 -4.81 -5.89 -0.92
N SER B 288 -4.73 -4.99 0.05
CA SER B 288 -5.88 -4.70 0.91
C SER B 288 -6.29 -3.24 0.75
N VAL B 289 -7.59 -3.03 0.52
CA VAL B 289 -8.13 -1.69 0.34
C VAL B 289 -9.01 -1.26 1.50
N VAL B 290 -8.67 -0.15 2.15
CA VAL B 290 -9.46 0.37 3.25
C VAL B 290 -10.57 1.23 2.64
N VAL B 291 -11.82 0.86 2.92
CA VAL B 291 -12.97 1.59 2.40
C VAL B 291 -13.76 2.24 3.54
N GLY B 292 -13.77 1.57 4.69
CA GLY B 292 -14.48 2.12 5.84
C GLY B 292 -13.72 3.29 6.44
N VAL B 293 -14.44 4.22 7.05
CA VAL B 293 -13.82 5.40 7.67
C VAL B 293 -13.74 5.23 9.18
N ALA B 294 -12.50 5.13 9.69
CA ALA B 294 -12.29 4.95 11.12
C ALA B 294 -12.50 6.26 11.88
N ALA B 295 -12.84 6.12 13.16
CA ALA B 295 -13.05 7.29 14.02
C ALA B 295 -11.77 8.09 14.10
N SER B 296 -11.88 9.40 14.20
CA SER B 296 -10.70 10.25 14.27
C SER B 296 -9.81 9.85 15.44
N GLY B 297 -8.50 9.98 15.24
CA GLY B 297 -7.56 9.64 16.28
C GLY B 297 -7.03 8.22 16.24
N GLU B 298 -7.87 7.28 15.83
CA GLU B 298 -7.43 5.89 15.77
C GLU B 298 -6.47 5.64 14.62
N GLU B 299 -5.58 4.66 14.79
CA GLU B 299 -4.66 4.36 13.72
C GLU B 299 -4.50 2.88 13.45
N ILE B 300 -4.02 2.57 12.26
CA ILE B 300 -3.80 1.20 11.84
C ILE B 300 -2.35 0.86 12.10
N ALA B 301 -2.07 -0.43 12.27
CA ALA B 301 -0.71 -0.87 12.52
C ALA B 301 -0.50 -2.30 12.03
N THR B 302 0.77 -2.64 11.82
CA THR B 302 1.17 -3.97 11.40
C THR B 302 2.69 -3.98 11.45
N ARG B 303 3.29 -5.15 11.25
CA ARG B 303 4.74 -5.24 11.23
C ARG B 303 5.14 -5.03 9.79
N PRO B 304 6.15 -4.17 9.53
CA PRO B 304 6.60 -3.89 8.18
C PRO B 304 6.92 -5.13 7.34
N PHE B 305 7.17 -6.25 8.02
CA PHE B 305 7.46 -7.52 7.37
C PHE B 305 6.32 -7.87 6.41
N GLN B 306 5.09 -7.47 6.77
CA GLN B 306 3.92 -7.74 5.95
C GLN B 306 4.04 -7.09 4.57
N LEU B 307 4.63 -5.89 4.54
CA LEU B 307 4.82 -5.14 3.30
C LEU B 307 6.06 -5.62 2.55
N VAL B 308 7.15 -5.80 3.28
CA VAL B 308 8.39 -6.24 2.66
C VAL B 308 8.15 -7.59 1.97
N THR B 309 7.34 -8.45 2.57
CA THR B 309 7.07 -9.73 1.95
C THR B 309 5.96 -9.72 0.90
N GLY B 310 5.69 -8.54 0.33
CA GLY B 310 4.73 -8.47 -0.76
C GLY B 310 3.33 -7.90 -0.67
N ARG B 311 2.82 -7.62 0.53
CA ARG B 311 1.47 -7.07 0.64
C ARG B 311 1.45 -5.56 0.46
N THR B 312 0.34 -5.06 -0.05
CA THR B 312 0.17 -3.63 -0.32
C THR B 312 -1.07 -3.08 0.39
N TRP B 313 -0.93 -1.92 1.03
CA TRP B 313 -2.04 -1.30 1.74
C TRP B 313 -2.52 -0.07 0.98
N LYS B 314 -3.80 -0.07 0.62
CA LYS B 314 -4.41 1.03 -0.11
C LYS B 314 -5.71 1.47 0.56
N GLY B 315 -6.27 2.55 0.03
CA GLY B 315 -7.52 3.08 0.55
C GLY B 315 -8.26 3.74 -0.60
N THR B 316 -9.51 4.13 -0.38
CA THR B 316 -10.27 4.77 -1.45
C THR B 316 -11.30 5.73 -0.89
N ALA B 317 -11.64 6.73 -1.69
CA ALA B 317 -12.63 7.73 -1.30
C ALA B 317 -13.58 7.82 -2.48
N PHE B 318 -14.87 7.60 -2.21
CA PHE B 318 -15.90 7.61 -3.24
C PHE B 318 -15.47 6.71 -4.41
N GLY B 319 -14.91 5.56 -4.08
CA GLY B 319 -14.48 4.59 -5.07
C GLY B 319 -13.49 5.04 -6.14
N GLY B 320 -12.83 6.16 -5.92
CA GLY B 320 -11.87 6.65 -6.89
C GLY B 320 -12.48 7.24 -8.15
N TRP B 321 -13.81 7.41 -8.14
CA TRP B 321 -14.51 7.96 -9.31
C TRP B 321 -14.39 9.46 -9.46
N LYS B 322 -13.93 9.93 -10.61
CA LYS B 322 -13.91 11.37 -10.84
C LYS B 322 -15.42 11.57 -11.02
N SER B 323 -16.02 12.14 -9.98
CA SER B 323 -17.46 12.33 -9.84
C SER B 323 -18.36 12.82 -10.97
N VAL B 324 -18.10 14.00 -11.50
CA VAL B 324 -18.93 14.56 -12.55
C VAL B 324 -19.02 13.71 -13.82
N GLU B 325 -17.91 13.11 -14.23
CA GLU B 325 -17.93 12.28 -15.42
C GLU B 325 -18.34 10.84 -15.14
N SER B 326 -18.07 10.37 -13.93
CA SER B 326 -18.38 8.98 -13.58
C SER B 326 -19.81 8.65 -13.15
N VAL B 327 -20.40 9.49 -12.30
CA VAL B 327 -21.75 9.22 -11.82
C VAL B 327 -22.77 9.00 -12.93
N PRO B 328 -22.73 9.83 -14.00
CA PRO B 328 -23.69 9.63 -15.08
C PRO B 328 -23.48 8.25 -15.71
N LYS B 329 -22.23 7.84 -15.79
CA LYS B 329 -21.86 6.55 -16.36
C LYS B 329 -22.39 5.43 -15.47
N LEU B 330 -22.28 5.60 -14.16
CA LEU B 330 -22.75 4.60 -13.22
C LEU B 330 -24.26 4.47 -13.32
N VAL B 331 -24.96 5.59 -13.49
CA VAL B 331 -26.41 5.55 -13.62
C VAL B 331 -26.73 4.75 -14.88
N SER B 332 -25.96 4.97 -15.94
CA SER B 332 -26.19 4.26 -17.20
C SER B 332 -25.92 2.77 -17.05
N GLU B 333 -24.94 2.41 -16.23
CA GLU B 333 -24.62 1.00 -16.00
C GLU B 333 -25.78 0.33 -15.24
N TYR B 334 -26.46 1.12 -14.42
CA TYR B 334 -27.61 0.62 -13.66
C TYR B 334 -28.78 0.42 -14.62
N MET B 335 -29.00 1.41 -15.48
CA MET B 335 -30.11 1.35 -16.44
C MET B 335 -29.96 0.19 -17.40
N SER B 336 -28.71 -0.20 -17.70
CA SER B 336 -28.46 -1.29 -18.61
C SER B 336 -28.32 -2.63 -17.91
N LYS B 337 -28.56 -2.65 -16.60
CA LYS B 337 -28.47 -3.87 -15.81
C LYS B 337 -27.06 -4.39 -15.56
N LYS B 338 -26.04 -3.57 -15.82
CA LYS B 338 -24.67 -4.01 -15.57
C LYS B 338 -24.43 -4.07 -14.06
N ILE B 339 -25.00 -3.11 -13.33
CA ILE B 339 -24.86 -3.09 -11.88
C ILE B 339 -26.24 -2.99 -11.25
N LYS B 340 -26.32 -3.34 -9.98
CA LYS B 340 -27.57 -3.30 -9.23
C LYS B 340 -27.65 -2.05 -8.35
N VAL B 341 -28.88 -1.63 -8.07
CA VAL B 341 -29.13 -0.49 -7.19
C VAL B 341 -30.36 -0.81 -6.35
N ASP B 342 -31.43 -1.21 -7.01
CA ASP B 342 -32.69 -1.55 -6.33
C ASP B 342 -32.49 -2.52 -5.17
N GLU B 343 -31.61 -3.50 -5.37
CA GLU B 343 -31.32 -4.52 -4.37
C GLU B 343 -30.74 -4.00 -3.06
N PHE B 344 -30.26 -2.74 -3.05
CA PHE B 344 -29.69 -2.16 -1.84
C PHE B 344 -30.76 -1.52 -0.96
N VAL B 345 -31.93 -1.24 -1.54
CA VAL B 345 -33.02 -0.62 -0.78
C VAL B 345 -33.78 -1.65 0.03
N THR B 346 -33.68 -1.53 1.35
CA THR B 346 -34.35 -2.47 2.24
C THR B 346 -35.53 -1.84 2.98
N HIS B 347 -35.57 -0.52 3.01
CA HIS B 347 -36.64 0.21 3.70
C HIS B 347 -36.98 1.52 2.99
N ASN B 348 -38.23 1.95 3.14
CA ASN B 348 -38.70 3.21 2.54
C ASN B 348 -39.49 3.98 3.59
N LEU B 349 -39.24 5.29 3.69
CA LEU B 349 -39.92 6.13 4.68
C LEU B 349 -40.28 7.50 4.10
N SER B 350 -41.15 8.22 4.80
CA SER B 350 -41.53 9.56 4.38
C SER B 350 -40.54 10.50 5.06
N PHE B 351 -40.48 11.74 4.59
CA PHE B 351 -39.57 12.74 5.14
C PHE B 351 -39.73 12.93 6.65
N ASP B 352 -40.97 13.02 7.12
CA ASP B 352 -41.22 13.20 8.55
C ASP B 352 -40.72 12.04 9.41
N GLU B 353 -40.52 10.88 8.80
CA GLU B 353 -40.05 9.71 9.51
C GLU B 353 -38.53 9.53 9.36
N ILE B 354 -37.85 10.54 8.84
CA ILE B 354 -36.42 10.42 8.60
C ILE B 354 -35.60 9.88 9.78
N ASN B 355 -35.97 10.24 11.00
CA ASN B 355 -35.23 9.75 12.16
C ASN B 355 -35.26 8.21 12.28
N LYS B 356 -36.31 7.59 11.75
CA LYS B 356 -36.38 6.13 11.81
C LYS B 356 -35.27 5.49 10.98
N ALA B 357 -34.79 6.20 9.96
CA ALA B 357 -33.71 5.66 9.12
C ALA B 357 -32.45 5.49 9.97
N PHE B 358 -32.23 6.43 10.88
CA PHE B 358 -31.06 6.37 11.77
C PHE B 358 -31.24 5.21 12.74
N GLU B 359 -32.47 5.03 13.24
CA GLU B 359 -32.75 3.95 14.18
C GLU B 359 -32.51 2.60 13.49
N LEU B 360 -32.99 2.47 12.26
CA LEU B 360 -32.81 1.23 11.50
C LEU B 360 -31.34 0.96 11.25
N MET B 361 -30.57 2.02 11.03
CA MET B 361 -29.15 1.89 10.76
C MET B 361 -28.41 1.36 11.98
N HIS B 362 -28.75 1.89 13.15
CA HIS B 362 -28.10 1.46 14.38
C HIS B 362 -28.58 0.09 14.86
N SER B 363 -29.78 -0.31 14.42
CA SER B 363 -30.33 -1.60 14.82
C SER B 363 -29.68 -2.71 14.00
N GLY B 364 -29.01 -2.32 12.93
CA GLY B 364 -28.36 -3.30 12.06
C GLY B 364 -29.32 -4.05 11.15
N LYS B 365 -30.57 -3.61 11.14
CA LYS B 365 -31.60 -4.25 10.33
C LYS B 365 -31.72 -3.78 8.88
N SER B 366 -30.94 -2.78 8.50
CA SER B 366 -31.03 -2.28 7.13
C SER B 366 -29.72 -2.21 6.36
N ILE B 367 -29.84 -1.98 5.06
CA ILE B 367 -28.68 -1.80 4.20
C ILE B 367 -28.80 -0.30 3.90
N ARG B 368 -29.88 0.06 3.20
CA ARG B 368 -30.15 1.46 2.88
C ARG B 368 -31.64 1.76 2.94
N THR B 369 -31.97 2.87 3.58
CA THR B 369 -33.35 3.31 3.69
C THR B 369 -33.50 4.55 2.83
N VAL B 370 -34.43 4.50 1.89
CA VAL B 370 -34.68 5.64 1.03
C VAL B 370 -35.82 6.49 1.57
N VAL B 371 -35.54 7.77 1.77
CA VAL B 371 -36.51 8.70 2.30
C VAL B 371 -37.15 9.51 1.18
N LYS B 372 -38.46 9.45 1.08
CA LYS B 372 -39.18 10.21 0.06
C LYS B 372 -39.44 11.61 0.59
N ILE B 373 -38.90 12.61 -0.09
CA ILE B 373 -39.10 13.99 0.33
C ILE B 373 -40.55 14.40 0.10
ZN ZN C . 10.00 -21.18 -6.51
ZN ZN D . 21.64 -7.88 2.73
ZN ZN D . 23.48 -7.38 1.83
K K E . 3.83 3.30 -10.74
P PO4 F . -0.19 0.07 -8.05
O1 PO4 F . -0.05 0.85 -6.80
O2 PO4 F . -1.62 -0.25 -8.28
O3 PO4 F . 0.33 0.87 -9.20
O4 PO4 F . 0.59 -1.19 -7.94
P PO4 G . 29.59 -21.68 -21.45
O1 PO4 G . 30.71 -22.58 -21.09
O2 PO4 G . 28.41 -22.48 -21.86
O3 PO4 G . 29.24 -20.85 -20.28
O4 PO4 G . 30.01 -20.81 -22.59
N1 APR H . 16.79 9.44 9.35
C2 APR H . 17.47 9.49 8.14
N3 APR H . 18.55 8.66 7.88
C4 APR H . 18.89 7.81 8.91
C5 APR H . 18.24 7.75 10.10
C6 APR H . 17.17 8.56 10.36
N6 APR H . 16.50 8.56 11.54
N7 APR H . 18.78 6.75 10.89
C8 APR H . 19.78 6.23 10.09
N9 APR H . 19.88 6.87 8.86
C1' APR H . 20.79 6.61 7.78
C2' APR H . 22.18 6.21 8.31
O2' APR H . 22.93 7.39 8.63
C3' APR H . 22.82 5.50 7.10
O3' APR H . 23.38 6.47 6.21
O4' APR H . 20.37 5.39 7.18
C4' APR H . 21.53 4.92 6.49
C5' APR H . 21.54 3.39 6.55
O5' APR H . 22.50 2.92 5.57
PA APR H . 23.39 1.64 5.91
O1A APR H . 23.51 1.47 7.37
O2A APR H . 24.73 1.77 5.30
O3A APR H . 22.61 0.34 5.40
PB APR H . 22.26 -0.15 3.92
O1B APR H . 23.20 -1.19 3.43
O2B APR H . 22.17 0.99 2.98
O5D APR H . 20.79 -0.81 4.11
C5D APR H . 19.86 -0.15 5.02
O4D APR H . 18.03 -1.47 4.21
O1D APR H . 17.99 -3.41 3.00
C1D APR H . 17.98 -2.87 4.34
O2D APR H . 19.22 -4.51 5.63
C2D APR H . 19.27 -3.17 5.12
O3D APR H . 17.78 -2.61 6.96
C3D APR H . 18.96 -2.18 6.26
C4D APR H . 18.61 -0.94 5.40
ZN ZN I . -10.69 20.00 -9.13
ZN ZN J . -21.44 8.43 2.89
ZN ZN J . -23.40 7.65 2.22
K K K . -4.60 -5.04 -9.95
P PO4 L . -31.58 17.49 -22.28
O1 PO4 L . -32.65 18.32 -21.64
O2 PO4 L . -31.01 18.23 -23.44
O3 PO4 L . -30.50 17.24 -21.29
O4 PO4 L . -32.16 16.20 -22.72
N1 APR M . -16.11 -7.95 11.72
C2 APR M . -16.90 -8.17 10.60
N3 APR M . -18.00 -7.35 10.32
C4 APR M . -18.23 -6.34 11.22
C5 APR M . -17.47 -6.12 12.33
C6 APR M . -16.39 -6.92 12.59
N6 APR M . -15.61 -6.74 13.69
N7 APR M . -17.93 -5.01 13.01
C8 APR M . -19.03 -4.59 12.25
N9 APR M . -19.23 -5.40 11.15
C1' APR M . -20.24 -5.32 10.10
C2' APR M . -21.60 -4.83 10.65
O2' APR M . -22.33 -5.95 11.18
C3' APR M . -22.29 -4.30 9.38
O3' APR M . -22.92 -5.39 8.69
O4' APR M . -19.87 -4.23 9.29
C4' APR M . -21.04 -3.85 8.59
C5' APR M . -21.03 -2.33 8.42
O5' APR M . -22.08 -2.02 7.46
PA APR M . -22.93 -0.70 7.68
O1A APR M . -22.99 -0.31 9.11
O2A APR M . -24.28 -0.92 7.15
O3A APR M . -22.11 0.49 6.94
PB APR M . -21.94 0.77 5.35
O1B APR M . -23.00 1.67 4.83
O2B APR M . -21.87 -0.47 4.55
O5D APR M . -20.54 1.54 5.35
C5D APR M . -19.48 1.03 6.20
O4D APR M . -17.77 2.27 5.05
O1D APR M . -16.85 4.39 4.20
C1D APR M . -17.54 3.65 5.24
O2D APR M . -18.68 5.50 6.30
C2D APR M . -18.83 4.13 5.90
O3D APR M . -17.36 3.67 7.78
C3D APR M . -18.55 3.21 7.11
C4D APR M . -18.23 1.90 6.35
#